data_1Y2C
#
_entry.id   1Y2C
#
_cell.length_a   60.688
_cell.length_b   78.966
_cell.length_c   163.510
_cell.angle_alpha   90.00
_cell.angle_beta   90.00
_cell.angle_gamma   90.00
#
_symmetry.space_group_name_H-M   'P 21 21 21'
#
loop_
_entity.id
_entity.type
_entity.pdbx_description
1 polymer "cAMP-specific 3',5'-cyclic phosphodiesterase 4D"
2 non-polymer 'ZINC ION'
3 non-polymer 'MAGNESIUM ION'
4 non-polymer '3,5-DIMETHYL-1-PHENYL-1H-PYRAZOLE-4-CARBOXYLIC ACID ETHYL ESTER'
5 non-polymer 1,2-ETHANEDIOL
6 water water
#
_entity_poly.entity_id   1
_entity_poly.type   'polypeptide(L)'
_entity_poly.pdbx_seq_one_letter_code
;MGSSHHHHHHSSGLVPRGSHMTEQEDVLAKELEDVNKWGLHVFRIAELSGNRPLTVIMHTIFQERDLLKTFKIPVDTLIT
YLMTLEDHYHADVAYHNNIHAADVVQSTHVLLSTPALEAVFTDLEILAAIFASAIHDVDHPGVSNQFLINTNSELALMYN
DSSVLENHHLAVGFKLLQEENCDIFQNLTKKQRQSLRKMVIDIVLATDMSKHMNLLADLKTMVETKKVTSSGVLLLDNYS
DRIQVLQNMVHCADLSNPTKPLQLYRQWTDRIMEEFFRQGDRERERGMEISPMCDKHNASVEKSQVGFIDYIVHPLWETW
ADLVHPDAQDILDTLEDNREWYQSTIPQS
;
_entity_poly.pdbx_strand_id   A,B
#
loop_
_chem_comp.id
_chem_comp.type
_chem_comp.name
_chem_comp.formula
3DE non-polymer '3,5-DIMETHYL-1-PHENYL-1H-PYRAZOLE-4-CARBOXYLIC ACID ETHYL ESTER' 'C14 H17 N2 O2 1'
EDO non-polymer 1,2-ETHANEDIOL 'C2 H6 O2'
MG non-polymer 'MAGNESIUM ION' 'Mg 2'
ZN non-polymer 'ZINC ION' 'Zn 2'
#
# COMPACT_ATOMS: atom_id res chain seq x y z
N THR A 22 -47.74 -3.42 -0.08
CA THR A 22 -47.97 -2.29 -1.02
C THR A 22 -47.57 -2.68 -2.44
N GLU A 23 -48.10 -1.95 -3.43
CA GLU A 23 -47.79 -2.19 -4.83
C GLU A 23 -46.29 -2.01 -5.09
N GLN A 24 -45.70 -1.00 -4.47
CA GLN A 24 -44.28 -0.72 -4.61
C GLN A 24 -43.43 -1.91 -4.18
N GLU A 25 -43.75 -2.50 -3.03
CA GLU A 25 -43.03 -3.66 -2.51
C GLU A 25 -43.20 -4.88 -3.43
N ASP A 26 -44.37 -5.00 -4.07
CA ASP A 26 -44.66 -6.11 -4.97
C ASP A 26 -43.86 -6.00 -6.26
N VAL A 27 -43.81 -4.81 -6.84
CA VAL A 27 -43.09 -4.57 -8.08
C VAL A 27 -41.58 -4.71 -7.82
N LEU A 28 -41.13 -4.30 -6.64
CA LEU A 28 -39.73 -4.45 -6.27
C LEU A 28 -39.35 -5.93 -6.24
N ALA A 29 -40.19 -6.74 -5.60
CA ALA A 29 -39.96 -8.18 -5.51
C ALA A 29 -39.89 -8.80 -6.91
N LYS A 30 -40.74 -8.34 -7.81
CA LYS A 30 -40.77 -8.83 -9.19
C LYS A 30 -39.48 -8.47 -9.95
N GLU A 31 -39.03 -7.23 -9.78
CA GLU A 31 -37.80 -6.78 -10.43
C GLU A 31 -36.62 -7.60 -9.91
N LEU A 32 -36.62 -7.91 -8.61
CA LEU A 32 -35.53 -8.67 -7.99
C LEU A 32 -35.49 -10.14 -8.43
N GLU A 33 -36.54 -10.61 -9.11
CA GLU A 33 -36.56 -11.97 -9.66
C GLU A 33 -35.52 -12.14 -10.78
N ASP A 34 -35.09 -11.02 -11.37
CA ASP A 34 -34.05 -11.02 -12.41
C ASP A 34 -32.64 -10.85 -11.84
N VAL A 35 -32.45 -11.11 -10.55
CA VAL A 35 -31.14 -10.92 -9.93
C VAL A 35 -30.04 -11.81 -10.51
N ASN A 36 -30.41 -12.92 -11.13
CA ASN A 36 -29.44 -13.83 -11.75
C ASN A 36 -29.18 -13.49 -13.23
N LYS A 37 -29.76 -12.39 -13.72
CA LYS A 37 -29.65 -12.01 -15.13
C LYS A 37 -28.79 -10.78 -15.37
N TRP A 38 -28.05 -10.81 -16.48
CA TRP A 38 -27.24 -9.68 -16.93
C TRP A 38 -28.24 -8.68 -17.48
N GLY A 39 -28.20 -7.45 -17.00
CA GLY A 39 -29.15 -6.44 -17.44
C GLY A 39 -30.29 -6.18 -16.47
N LEU A 40 -30.11 -6.57 -15.22
CA LEU A 40 -31.09 -6.27 -14.17
C LEU A 40 -31.39 -4.77 -14.21
N HIS A 41 -32.65 -4.40 -13.96
CA HIS A 41 -33.07 -2.99 -13.96
C HIS A 41 -32.66 -2.34 -12.64
N VAL A 42 -31.37 -2.12 -12.45
CA VAL A 42 -30.82 -1.61 -11.18
C VAL A 42 -31.30 -0.20 -10.82
N PHE A 43 -31.55 0.65 -11.81
CA PHE A 43 -32.05 2.00 -11.55
C PHE A 43 -33.49 1.94 -11.05
N ARG A 44 -34.31 1.07 -11.64
CA ARG A 44 -35.69 0.90 -11.20
C ARG A 44 -35.72 0.37 -9.77
N ILE A 45 -34.82 -0.56 -9.46
CA ILE A 45 -34.74 -1.12 -8.11
C ILE A 45 -34.35 -0.04 -7.10
N ALA A 46 -33.46 0.87 -7.49
CA ALA A 46 -33.04 1.96 -6.61
C ALA A 46 -34.23 2.86 -6.29
N GLU A 47 -35.08 3.12 -7.28
CA GLU A 47 -36.26 3.96 -7.11
C GLU A 47 -37.30 3.28 -6.21
N LEU A 48 -37.59 2.02 -6.51
CA LEU A 48 -38.60 1.25 -5.79
C LEU A 48 -38.24 0.92 -4.33
N SER A 49 -36.95 0.93 -4.01
CA SER A 49 -36.49 0.60 -2.66
C SER A 49 -36.20 1.81 -1.78
N GLY A 50 -36.53 3.02 -2.26
CA GLY A 50 -36.27 4.24 -1.51
C GLY A 50 -34.79 4.51 -1.42
N ASN A 51 -34.12 4.35 -2.55
CA ASN A 51 -32.68 4.50 -2.67
C ASN A 51 -31.87 3.55 -1.79
N ARG A 52 -32.31 2.28 -1.76
CA ARG A 52 -31.59 1.23 -1.05
C ARG A 52 -31.25 0.04 -1.96
N PRO A 53 -30.75 0.29 -3.18
CA PRO A 53 -30.44 -0.82 -4.09
C PRO A 53 -29.35 -1.73 -3.54
N LEU A 54 -28.34 -1.18 -2.87
CA LEU A 54 -27.26 -2.01 -2.33
C LEU A 54 -27.78 -2.96 -1.26
N THR A 55 -28.60 -2.45 -0.35
CA THR A 55 -29.14 -3.27 0.73
C THR A 55 -30.04 -4.38 0.21
N VAL A 56 -31.01 -4.03 -0.63
CA VAL A 56 -31.96 -5.03 -1.14
C VAL A 56 -31.31 -6.05 -2.08
N ILE A 57 -30.36 -5.61 -2.91
CA ILE A 57 -29.70 -6.53 -3.84
C ILE A 57 -28.76 -7.47 -3.10
N MET A 58 -28.02 -6.95 -2.12
CA MET A 58 -27.11 -7.79 -1.33
C MET A 58 -27.92 -8.82 -0.53
N HIS A 59 -29.00 -8.37 0.10
CA HIS A 59 -29.85 -9.28 0.88
C HIS A 59 -30.41 -10.38 -0.01
N THR A 60 -30.94 -9.99 -1.16
CA THR A 60 -31.48 -10.95 -2.12
C THR A 60 -30.43 -11.98 -2.53
N ILE A 61 -29.22 -11.52 -2.83
CA ILE A 61 -28.13 -12.40 -3.27
C ILE A 61 -27.67 -13.32 -2.13
N PHE A 62 -27.61 -12.79 -0.92
CA PHE A 62 -27.22 -13.59 0.24
C PHE A 62 -28.24 -14.71 0.50
N GLN A 63 -29.51 -14.42 0.28
CA GLN A 63 -30.56 -15.43 0.46
C GLN A 63 -30.50 -16.46 -0.67
N GLU A 64 -30.28 -16.00 -1.90
CA GLU A 64 -30.20 -16.87 -3.08
C GLU A 64 -29.04 -17.87 -2.99
N ARG A 65 -27.92 -17.42 -2.44
CA ARG A 65 -26.72 -18.26 -2.30
C ARG A 65 -26.64 -18.94 -0.93
N ASP A 66 -27.70 -18.82 -0.13
CA ASP A 66 -27.77 -19.43 1.19
C ASP A 66 -26.62 -19.01 2.12
N LEU A 67 -26.10 -17.80 1.92
CA LEU A 67 -24.95 -17.31 2.70
C LEU A 67 -25.24 -17.03 4.18
N LEU A 68 -26.48 -16.69 4.53
CA LEU A 68 -26.80 -16.41 5.93
C LEU A 68 -26.73 -17.70 6.76
N LYS A 69 -27.24 -18.78 6.21
CA LYS A 69 -27.23 -20.08 6.90
C LYS A 69 -25.81 -20.64 6.96
N THR A 70 -25.12 -20.61 5.81
CA THR A 70 -23.77 -21.14 5.73
C THR A 70 -22.82 -20.51 6.74
N PHE A 71 -22.86 -19.19 6.86
CA PHE A 71 -21.96 -18.45 7.76
C PHE A 71 -22.60 -17.95 9.04
N LYS A 72 -23.80 -18.45 9.34
CA LYS A 72 -24.54 -18.11 10.54
C LYS A 72 -24.59 -16.59 10.77
N ILE A 73 -24.99 -15.88 9.72
CA ILE A 73 -25.11 -14.43 9.76
C ILE A 73 -26.53 -14.08 10.18
N PRO A 74 -26.71 -13.46 11.35
CA PRO A 74 -28.06 -13.07 11.78
C PRO A 74 -28.62 -12.06 10.78
N VAL A 75 -29.86 -12.25 10.36
CA VAL A 75 -30.44 -11.38 9.34
C VAL A 75 -30.47 -9.90 9.75
N ASP A 76 -30.75 -9.64 11.02
CA ASP A 76 -30.79 -8.25 11.52
C ASP A 76 -29.40 -7.60 11.43
N THR A 77 -28.35 -8.39 11.67
CA THR A 77 -26.97 -7.91 11.58
C THR A 77 -26.60 -7.58 10.13
N LEU A 78 -27.00 -8.44 9.20
CA LEU A 78 -26.70 -8.20 7.78
C LEU A 78 -27.36 -6.92 7.32
N ILE A 79 -28.63 -6.74 7.65
CA ILE A 79 -29.37 -5.55 7.22
C ILE A 79 -28.79 -4.28 7.85
N THR A 80 -28.43 -4.35 9.13
CA THR A 80 -27.85 -3.21 9.81
C THR A 80 -26.53 -2.80 9.15
N TYR A 81 -25.67 -3.78 8.84
CA TYR A 81 -24.40 -3.49 8.19
C TYR A 81 -24.60 -2.90 6.80
N LEU A 82 -25.51 -3.51 6.03
CA LEU A 82 -25.74 -3.06 4.66
C LEU A 82 -26.29 -1.64 4.58
N MET A 83 -27.20 -1.28 5.48
CA MET A 83 -27.77 0.06 5.47
C MET A 83 -26.71 1.07 5.87
N THR A 84 -25.86 0.69 6.82
CA THR A 84 -24.75 1.53 7.26
C THR A 84 -23.74 1.73 6.12
N LEU A 85 -23.37 0.63 5.47
CA LEU A 85 -22.45 0.68 4.34
C LEU A 85 -23.00 1.58 3.24
N GLU A 86 -24.28 1.38 2.92
CA GLU A 86 -24.94 2.13 1.87
C GLU A 86 -24.99 3.63 2.22
N ASP A 87 -25.15 3.95 3.50
CA ASP A 87 -25.18 5.34 3.97
C ASP A 87 -23.85 6.03 3.73
N HIS A 88 -22.77 5.26 3.62
CA HIS A 88 -21.44 5.82 3.42
C HIS A 88 -21.06 6.02 1.95
N TYR A 89 -21.96 5.67 1.04
CA TYR A 89 -21.83 6.03 -0.37
C TYR A 89 -22.53 7.38 -0.45
N HIS A 90 -21.97 8.30 -1.24
CA HIS A 90 -22.45 9.68 -1.31
C HIS A 90 -23.61 9.81 -2.30
N ALA A 91 -24.72 10.33 -1.81
CA ALA A 91 -25.93 10.52 -2.64
C ALA A 91 -25.77 11.65 -3.67
N ASP A 92 -24.81 12.54 -3.47
CA ASP A 92 -24.57 13.63 -4.41
C ASP A 92 -23.41 13.37 -5.41
N VAL A 93 -22.90 12.14 -5.45
CA VAL A 93 -21.90 11.75 -6.43
C VAL A 93 -22.69 11.00 -7.51
N ALA A 94 -22.61 11.45 -8.75
CA ALA A 94 -23.46 10.93 -9.82
C ALA A 94 -23.19 9.51 -10.26
N TYR A 95 -21.94 9.08 -10.26
CA TYR A 95 -21.60 7.72 -10.69
C TYR A 95 -21.15 6.83 -9.53
N HIS A 96 -20.11 7.24 -8.81
CA HIS A 96 -19.56 6.40 -7.74
C HIS A 96 -20.38 6.46 -6.45
N ASN A 97 -21.57 5.87 -6.53
CA ASN A 97 -22.55 5.86 -5.45
C ASN A 97 -23.07 4.46 -5.18
N ASN A 98 -24.08 4.37 -4.34
CA ASN A 98 -24.68 3.09 -3.95
C ASN A 98 -25.28 2.31 -5.12
N ILE A 99 -25.75 3.00 -6.16
CA ILE A 99 -26.28 2.31 -7.34
C ILE A 99 -25.17 1.57 -8.06
N HIS A 100 -24.01 2.20 -8.22
CA HIS A 100 -22.85 1.56 -8.83
C HIS A 100 -22.40 0.36 -8.02
N ALA A 101 -22.35 0.52 -6.71
CA ALA A 101 -21.97 -0.58 -5.83
C ALA A 101 -22.93 -1.77 -6.01
N ALA A 102 -24.23 -1.49 -6.03
CA ALA A 102 -25.26 -2.51 -6.19
C ALA A 102 -25.08 -3.23 -7.52
N ASP A 103 -24.78 -2.45 -8.55
CA ASP A 103 -24.55 -2.96 -9.90
C ASP A 103 -23.33 -3.88 -9.96
N VAL A 104 -22.23 -3.48 -9.32
CA VAL A 104 -21.02 -4.29 -9.34
C VAL A 104 -21.24 -5.58 -8.55
N VAL A 105 -21.93 -5.51 -7.42
CA VAL A 105 -22.29 -6.67 -6.63
C VAL A 105 -23.09 -7.68 -7.48
N GLN A 106 -24.13 -7.19 -8.14
CA GLN A 106 -25.01 -8.06 -8.93
C GLN A 106 -24.31 -8.63 -10.15
N SER A 107 -23.41 -7.84 -10.74
CA SER A 107 -22.63 -8.26 -11.89
C SER A 107 -21.65 -9.36 -11.48
N THR A 108 -21.01 -9.20 -10.33
CA THR A 108 -20.10 -10.21 -9.80
C THR A 108 -20.86 -11.50 -9.53
N HIS A 109 -22.06 -11.35 -8.96
CA HIS A 109 -22.93 -12.46 -8.65
C HIS A 109 -23.26 -13.26 -9.91
N VAL A 110 -23.53 -12.59 -11.02
CA VAL A 110 -23.82 -13.31 -12.26
C VAL A 110 -22.55 -13.99 -12.79
N LEU A 111 -21.41 -13.30 -12.73
CA LEU A 111 -20.15 -13.86 -13.20
C LEU A 111 -19.72 -15.09 -12.40
N LEU A 112 -20.05 -15.11 -11.11
CA LEU A 112 -19.73 -16.25 -10.25
C LEU A 112 -20.50 -17.51 -10.69
N SER A 113 -21.66 -17.32 -11.31
CA SER A 113 -22.51 -18.43 -11.78
C SER A 113 -22.17 -18.92 -13.20
N THR A 114 -21.08 -18.41 -13.79
CA THR A 114 -20.62 -18.82 -15.12
C THR A 114 -20.40 -20.34 -15.14
N PRO A 115 -20.96 -21.08 -16.11
CA PRO A 115 -20.77 -22.53 -16.15
C PRO A 115 -19.31 -23.01 -16.04
N ALA A 116 -18.37 -22.26 -16.62
CA ALA A 116 -16.96 -22.60 -16.57
C ALA A 116 -16.37 -22.47 -15.16
N LEU A 117 -17.07 -21.78 -14.28
CA LEU A 117 -16.61 -21.64 -12.89
C LEU A 117 -17.47 -22.45 -11.91
N GLU A 118 -18.24 -23.40 -12.44
CA GLU A 118 -19.12 -24.23 -11.63
C GLU A 118 -18.34 -24.99 -10.55
N ALA A 119 -18.69 -24.72 -9.30
CA ALA A 119 -18.06 -25.37 -8.14
C ALA A 119 -16.56 -25.14 -8.03
N VAL A 120 -16.07 -24.07 -8.63
CA VAL A 120 -14.63 -23.76 -8.60
C VAL A 120 -14.29 -23.05 -7.29
N PHE A 121 -15.11 -22.07 -6.93
CA PHE A 121 -14.87 -21.29 -5.71
C PHE A 121 -15.67 -21.77 -4.50
N THR A 122 -15.05 -21.68 -3.33
CA THR A 122 -15.68 -22.07 -2.08
C THR A 122 -16.66 -20.99 -1.65
N ASP A 123 -17.51 -21.33 -0.70
CA ASP A 123 -18.47 -20.38 -0.16
C ASP A 123 -17.75 -19.16 0.45
N LEU A 124 -16.58 -19.35 1.05
CA LEU A 124 -15.82 -18.23 1.62
C LEU A 124 -15.29 -17.29 0.53
N GLU A 125 -14.82 -17.86 -0.57
CA GLU A 125 -14.33 -17.08 -1.71
C GLU A 125 -15.47 -16.30 -2.39
N ILE A 126 -16.63 -16.94 -2.49
CA ILE A 126 -17.83 -16.33 -3.06
C ILE A 126 -18.23 -15.15 -2.18
N LEU A 127 -18.19 -15.36 -0.87
CA LEU A 127 -18.51 -14.32 0.11
C LEU A 127 -17.55 -13.14 -0.02
N ALA A 128 -16.27 -13.45 -0.18
CA ALA A 128 -15.23 -12.44 -0.29
C ALA A 128 -15.42 -11.59 -1.55
N ALA A 129 -15.74 -12.24 -2.66
CA ALA A 129 -15.93 -11.55 -3.94
C ALA A 129 -17.14 -10.62 -3.91
N ILE A 130 -18.23 -11.09 -3.30
CA ILE A 130 -19.45 -10.30 -3.21
C ILE A 130 -19.29 -9.14 -2.21
N PHE A 131 -18.69 -9.43 -1.06
CA PHE A 131 -18.44 -8.40 -0.05
C PHE A 131 -17.49 -7.32 -0.61
N ALA A 132 -16.43 -7.76 -1.29
CA ALA A 132 -15.48 -6.81 -1.89
C ALA A 132 -16.21 -5.91 -2.87
N SER A 133 -17.11 -6.49 -3.67
CA SER A 133 -17.86 -5.70 -4.65
C SER A 133 -18.73 -4.66 -3.95
N ALA A 134 -19.31 -5.04 -2.82
CA ALA A 134 -20.19 -4.15 -2.09
C ALA A 134 -19.47 -2.93 -1.52
N ILE A 135 -18.27 -3.13 -1.00
CA ILE A 135 -17.52 -2.04 -0.38
C ILE A 135 -16.53 -1.35 -1.32
N HIS A 136 -16.41 -1.83 -2.56
CA HIS A 136 -15.27 -1.42 -3.40
C HIS A 136 -15.08 0.07 -3.71
N ASP A 137 -16.14 0.87 -3.62
CA ASP A 137 -16.06 2.31 -3.86
C ASP A 137 -16.65 3.12 -2.70
N VAL A 138 -16.81 2.54 -1.52
CA VAL A 138 -17.46 3.24 -0.42
C VAL A 138 -16.74 4.55 -0.03
N ASP A 139 -17.54 5.59 0.22
CA ASP A 139 -17.05 6.91 0.60
C ASP A 139 -16.25 7.58 -0.53
N HIS A 140 -16.57 7.24 -1.77
CA HIS A 140 -15.92 7.84 -2.95
C HIS A 140 -16.33 9.32 -3.02
N PRO A 141 -15.37 10.23 -3.11
CA PRO A 141 -15.66 11.68 -3.17
C PRO A 141 -16.01 12.23 -4.55
N GLY A 142 -15.97 11.40 -5.59
CA GLY A 142 -16.31 11.82 -6.93
C GLY A 142 -15.16 12.44 -7.72
N VAL A 143 -13.93 12.24 -7.24
CA VAL A 143 -12.73 12.71 -7.93
C VAL A 143 -11.73 11.55 -7.98
N SER A 144 -10.85 11.60 -8.96
CA SER A 144 -9.91 10.51 -9.22
C SER A 144 -8.70 10.51 -8.28
N ASN A 145 -7.96 9.41 -8.30
CA ASN A 145 -6.72 9.29 -7.55
C ASN A 145 -5.74 10.39 -7.97
N GLN A 146 -5.61 10.62 -9.27
CA GLN A 146 -4.68 11.63 -9.76
C GLN A 146 -5.06 13.04 -9.28
N PHE A 147 -6.36 13.33 -9.20
CA PHE A 147 -6.81 14.62 -8.68
C PHE A 147 -6.40 14.75 -7.22
N LEU A 148 -6.62 13.69 -6.45
CA LEU A 148 -6.27 13.68 -5.04
C LEU A 148 -4.77 13.85 -4.81
N ILE A 149 -3.96 13.28 -5.70
CA ILE A 149 -2.50 13.42 -5.62
C ILE A 149 -2.09 14.84 -6.00
N ASN A 150 -2.66 15.35 -7.08
CA ASN A 150 -2.32 16.68 -7.59
C ASN A 150 -2.74 17.84 -6.70
N THR A 151 -3.78 17.63 -5.89
CA THR A 151 -4.27 18.67 -4.98
C THR A 151 -3.67 18.56 -3.59
N ASN A 152 -2.70 17.66 -3.42
CA ASN A 152 -2.04 17.47 -2.13
C ASN A 152 -3.05 17.19 -1.02
N SER A 153 -4.01 16.33 -1.32
CA SER A 153 -5.10 15.96 -0.42
C SER A 153 -4.62 15.14 0.77
N GLU A 154 -5.43 15.15 1.83
CA GLU A 154 -5.12 14.38 3.03
C GLU A 154 -5.15 12.89 2.72
N LEU A 155 -6.02 12.46 1.81
CA LEU A 155 -6.09 11.05 1.43
C LEU A 155 -4.79 10.61 0.76
N ALA A 156 -4.28 11.40 -0.17
CA ALA A 156 -3.03 11.05 -0.87
C ALA A 156 -1.84 11.08 0.09
N LEU A 157 -1.88 11.99 1.06
CA LEU A 157 -0.85 12.09 2.08
C LEU A 157 -0.88 10.82 2.95
N MET A 158 -2.07 10.40 3.33
CA MET A 158 -2.24 9.23 4.17
C MET A 158 -1.75 7.95 3.47
N TYR A 159 -2.00 7.86 2.18
CA TYR A 159 -1.73 6.62 1.44
C TYR A 159 -0.53 6.66 0.50
N ASN A 160 0.31 7.69 0.65
CA ASN A 160 1.56 7.80 -0.09
C ASN A 160 1.40 7.63 -1.61
N ASP A 161 0.35 8.25 -2.11
CA ASP A 161 0.02 8.35 -3.54
C ASP A 161 -0.29 7.05 -4.26
N SER A 162 -0.39 5.92 -3.55
CA SER A 162 -0.65 4.65 -4.23
C SER A 162 -1.99 4.05 -3.80
N SER A 163 -2.78 3.70 -4.80
CA SER A 163 -4.15 3.18 -4.63
C SER A 163 -4.84 3.98 -3.52
N VAL A 164 -4.81 5.31 -3.65
CA VAL A 164 -5.30 6.19 -2.59
C VAL A 164 -6.77 5.89 -2.26
N LEU A 165 -7.63 5.95 -3.26
CA LEU A 165 -9.05 5.70 -3.05
C LEU A 165 -9.35 4.27 -2.63
N GLU A 166 -8.70 3.32 -3.29
CA GLU A 166 -8.96 1.91 -3.08
C GLU A 166 -8.58 1.47 -1.65
N ASN A 167 -7.48 1.99 -1.12
CA ASN A 167 -7.12 1.75 0.26
C ASN A 167 -8.18 2.31 1.20
N HIS A 168 -8.67 3.52 0.89
CA HIS A 168 -9.69 4.16 1.69
C HIS A 168 -11.02 3.38 1.67
N HIS A 169 -11.46 2.92 0.49
CA HIS A 169 -12.70 2.13 0.38
C HIS A 169 -12.63 0.90 1.31
N LEU A 170 -11.50 0.21 1.28
CA LEU A 170 -11.28 -0.95 2.13
C LEU A 170 -11.36 -0.58 3.62
N ALA A 171 -10.63 0.47 4.02
CA ALA A 171 -10.57 0.87 5.41
C ALA A 171 -11.97 1.19 5.93
N VAL A 172 -12.76 1.89 5.14
CA VAL A 172 -14.13 2.24 5.56
C VAL A 172 -15.02 1.00 5.62
N GLY A 173 -14.96 0.15 4.60
CA GLY A 173 -15.78 -1.05 4.53
C GLY A 173 -15.56 -1.96 5.72
N PHE A 174 -14.30 -2.13 6.11
CA PHE A 174 -13.96 -2.98 7.26
C PHE A 174 -14.25 -2.30 8.59
N LYS A 175 -14.00 -0.99 8.68
CA LYS A 175 -14.23 -0.27 9.93
C LYS A 175 -15.71 -0.30 10.33
N LEU A 176 -16.59 -0.28 9.34
CA LEU A 176 -18.04 -0.28 9.60
C LEU A 176 -18.56 -1.58 10.23
N LEU A 177 -17.81 -2.67 10.08
CA LEU A 177 -18.15 -3.94 10.72
C LEU A 177 -18.13 -3.84 12.25
N GLN A 178 -17.41 -2.83 12.76
CA GLN A 178 -17.27 -2.60 14.20
C GLN A 178 -18.42 -1.79 14.82
N GLU A 179 -19.29 -1.23 14.00
CA GLU A 179 -20.44 -0.48 14.50
C GLU A 179 -21.41 -1.45 15.18
N GLU A 180 -22.35 -0.91 15.96
CA GLU A 180 -23.29 -1.73 16.74
C GLU A 180 -24.10 -2.67 15.85
N ASN A 181 -24.01 -3.97 16.14
CA ASN A 181 -24.72 -5.02 15.42
C ASN A 181 -24.44 -5.02 13.91
N CYS A 182 -23.17 -4.80 13.55
CA CYS A 182 -22.77 -4.76 12.14
C CYS A 182 -21.76 -5.84 11.74
N ASP A 183 -21.26 -6.63 12.69
CA ASP A 183 -20.26 -7.66 12.36
C ASP A 183 -20.91 -8.89 11.77
N ILE A 184 -21.09 -8.86 10.45
CA ILE A 184 -21.69 -9.98 9.74
C ILE A 184 -20.79 -11.22 9.71
N PHE A 185 -19.52 -11.06 10.08
CA PHE A 185 -18.57 -12.18 10.11
C PHE A 185 -18.31 -12.72 11.52
N GLN A 186 -19.16 -12.34 12.48
CA GLN A 186 -18.99 -12.72 13.89
C GLN A 186 -18.91 -14.23 14.16
N ASN A 187 -19.57 -15.02 13.32
CA ASN A 187 -19.59 -16.47 13.48
C ASN A 187 -18.63 -17.26 12.58
N LEU A 188 -17.72 -16.54 11.91
CA LEU A 188 -16.67 -17.17 11.13
C LEU A 188 -15.56 -17.51 12.10
N THR A 189 -14.76 -18.52 11.78
CA THR A 189 -13.60 -18.88 12.60
C THR A 189 -12.56 -17.80 12.37
N LYS A 190 -11.55 -17.73 13.24
CA LYS A 190 -10.49 -16.74 13.09
C LYS A 190 -9.75 -16.93 11.76
N LYS A 191 -9.56 -18.18 11.35
CA LYS A 191 -8.88 -18.49 10.10
C LYS A 191 -9.72 -18.02 8.91
N GLN A 192 -11.01 -18.25 8.97
CA GLN A 192 -11.94 -17.81 7.93
C GLN A 192 -11.92 -16.29 7.82
N ARG A 193 -11.87 -15.60 8.95
CA ARG A 193 -11.85 -14.14 8.98
C ARG A 193 -10.55 -13.62 8.38
N GLN A 194 -9.42 -14.22 8.74
CA GLN A 194 -8.12 -13.82 8.21
C GLN A 194 -8.07 -14.01 6.69
N SER A 195 -8.55 -15.16 6.22
CA SER A 195 -8.55 -15.47 4.80
C SER A 195 -9.46 -14.53 4.01
N LEU A 196 -10.66 -14.29 4.52
CA LEU A 196 -11.62 -13.41 3.86
C LEU A 196 -11.07 -12.00 3.75
N ARG A 197 -10.48 -11.50 4.84
CA ARG A 197 -9.91 -10.16 4.86
C ARG A 197 -8.81 -10.01 3.81
N LYS A 198 -7.90 -10.98 3.74
CA LYS A 198 -6.83 -10.94 2.76
C LYS A 198 -7.38 -10.93 1.34
N MET A 199 -8.35 -11.80 1.07
CA MET A 199 -8.95 -11.87 -0.26
C MET A 199 -9.65 -10.57 -0.64
N VAL A 200 -10.37 -9.98 0.30
CA VAL A 200 -11.09 -8.74 0.03
C VAL A 200 -10.12 -7.60 -0.30
N ILE A 201 -9.05 -7.48 0.48
CA ILE A 201 -8.03 -6.47 0.22
C ILE A 201 -7.41 -6.69 -1.17
N ASP A 202 -7.04 -7.92 -1.48
CA ASP A 202 -6.44 -8.25 -2.77
C ASP A 202 -7.35 -7.87 -3.93
N ILE A 203 -8.64 -8.11 -3.78
CA ILE A 203 -9.62 -7.82 -4.82
C ILE A 203 -9.86 -6.32 -5.01
N VAL A 204 -10.11 -5.60 -3.92
CA VAL A 204 -10.39 -4.15 -4.04
C VAL A 204 -9.16 -3.38 -4.50
N LEU A 205 -7.98 -3.73 -4.02
CA LEU A 205 -6.77 -3.06 -4.50
C LEU A 205 -6.61 -3.23 -6.02
N ALA A 206 -7.08 -4.36 -6.55
CA ALA A 206 -7.01 -4.63 -7.99
C ALA A 206 -7.99 -3.82 -8.84
N THR A 207 -8.93 -3.11 -8.21
CA THR A 207 -9.88 -2.25 -8.94
C THR A 207 -9.26 -0.88 -9.28
N ASP A 208 -8.09 -0.58 -8.72
CA ASP A 208 -7.32 0.62 -9.05
C ASP A 208 -7.01 0.53 -10.54
N MET A 209 -7.48 1.50 -11.32
CA MET A 209 -7.30 1.48 -12.78
C MET A 209 -5.84 1.54 -13.24
N SER A 210 -4.94 2.03 -12.40
CA SER A 210 -3.53 2.08 -12.75
C SER A 210 -2.94 0.68 -12.86
N LYS A 211 -3.62 -0.32 -12.30
CA LYS A 211 -3.19 -1.71 -12.34
C LYS A 211 -3.85 -2.51 -13.47
N HIS A 212 -4.72 -1.88 -14.24
CA HIS A 212 -5.46 -2.55 -15.32
C HIS A 212 -4.57 -3.29 -16.31
N MET A 213 -3.52 -2.63 -16.81
CA MET A 213 -2.64 -3.24 -17.81
C MET A 213 -1.92 -4.49 -17.29
N ASN A 214 -1.43 -4.46 -16.06
CA ASN A 214 -0.76 -5.61 -15.46
C ASN A 214 -1.73 -6.77 -15.20
N LEU A 215 -2.91 -6.46 -14.71
CA LEU A 215 -3.96 -7.46 -14.44
C LEU A 215 -4.32 -8.20 -15.71
N LEU A 216 -4.53 -7.44 -16.77
CA LEU A 216 -4.90 -8.00 -18.08
C LEU A 216 -3.79 -8.86 -18.65
N ALA A 217 -2.56 -8.38 -18.54
CA ALA A 217 -1.40 -9.14 -19.03
C ALA A 217 -1.34 -10.50 -18.35
N ASP A 218 -1.55 -10.51 -17.03
CA ASP A 218 -1.53 -11.76 -16.26
C ASP A 218 -2.72 -12.65 -16.59
N LEU A 219 -3.88 -12.04 -16.87
CA LEU A 219 -5.07 -12.80 -17.25
C LEU A 219 -4.82 -13.50 -18.60
N LYS A 220 -4.15 -12.80 -19.50
CA LYS A 220 -3.82 -13.36 -20.81
C LYS A 220 -2.88 -14.54 -20.65
N THR A 221 -1.91 -14.44 -19.74
CA THR A 221 -0.97 -15.53 -19.50
C THR A 221 -1.70 -16.77 -18.97
N MET A 222 -2.71 -16.55 -18.13
CA MET A 222 -3.50 -17.65 -17.57
C MET A 222 -4.33 -18.34 -18.66
N VAL A 223 -4.89 -17.55 -19.57
CA VAL A 223 -5.70 -18.07 -20.66
C VAL A 223 -4.86 -18.97 -21.57
N GLU A 224 -3.60 -18.59 -21.75
CA GLU A 224 -2.68 -19.33 -22.62
C GLU A 224 -2.22 -20.65 -22.00
N THR A 225 -2.17 -20.70 -20.67
CA THR A 225 -1.75 -21.88 -19.92
C THR A 225 -2.95 -22.55 -19.23
N LYS A 226 -4.15 -22.13 -19.64
CA LYS A 226 -5.44 -22.62 -19.12
C LYS A 226 -5.55 -24.15 -19.02
N LYS A 227 -6.15 -24.63 -17.92
CA LYS A 227 -6.37 -26.06 -17.68
C LYS A 227 -7.84 -26.28 -17.32
N VAL A 228 -8.51 -27.18 -18.03
CA VAL A 228 -9.93 -27.45 -17.80
C VAL A 228 -10.30 -28.94 -17.82
N THR A 229 -11.48 -29.24 -17.29
CA THR A 229 -12.02 -30.60 -17.29
C THR A 229 -12.59 -30.85 -18.69
N SER A 230 -13.18 -32.03 -18.91
CA SER A 230 -13.78 -32.35 -20.19
C SER A 230 -15.05 -31.53 -20.47
N SER A 231 -15.60 -30.88 -19.43
CA SER A 231 -16.78 -30.03 -19.55
C SER A 231 -16.44 -28.54 -19.66
N GLY A 232 -15.14 -28.22 -19.67
CA GLY A 232 -14.69 -26.84 -19.77
C GLY A 232 -14.65 -26.06 -18.47
N VAL A 233 -14.65 -26.77 -17.34
CA VAL A 233 -14.61 -26.11 -16.05
C VAL A 233 -13.15 -25.81 -15.68
N LEU A 234 -12.88 -24.58 -15.28
CA LEU A 234 -11.54 -24.14 -14.93
C LEU A 234 -10.99 -24.86 -13.71
N LEU A 235 -9.72 -25.26 -13.78
CA LEU A 235 -9.03 -25.93 -12.69
C LEU A 235 -8.03 -24.94 -12.12
N LEU A 236 -8.30 -24.45 -10.91
CA LEU A 236 -7.46 -23.46 -10.23
C LEU A 236 -7.09 -24.03 -8.86
N ASP A 237 -5.83 -24.41 -8.68
CA ASP A 237 -5.43 -25.02 -7.41
C ASP A 237 -4.86 -24.09 -6.35
N ASN A 238 -3.88 -23.26 -6.71
CA ASN A 238 -3.24 -22.40 -5.71
C ASN A 238 -3.88 -21.03 -5.58
N TYR A 239 -3.56 -20.37 -4.48
CA TYR A 239 -4.12 -19.07 -4.17
C TYR A 239 -3.85 -18.05 -5.26
N SER A 240 -2.62 -18.00 -5.76
CA SER A 240 -2.24 -17.03 -6.78
C SER A 240 -3.18 -17.03 -7.98
N ASP A 241 -3.51 -18.23 -8.49
CA ASP A 241 -4.39 -18.32 -9.65
C ASP A 241 -5.84 -18.02 -9.27
N ARG A 242 -6.28 -18.49 -8.11
CA ARG A 242 -7.67 -18.29 -7.69
C ARG A 242 -7.98 -16.81 -7.44
N ILE A 243 -7.10 -16.13 -6.70
CA ILE A 243 -7.30 -14.72 -6.43
C ILE A 243 -7.19 -13.89 -7.70
N GLN A 244 -6.34 -14.33 -8.63
CA GLN A 244 -6.18 -13.60 -9.89
C GLN A 244 -7.49 -13.60 -10.68
N VAL A 245 -8.17 -14.74 -10.70
CA VAL A 245 -9.43 -14.84 -11.41
C VAL A 245 -10.50 -13.99 -10.68
N LEU A 246 -10.49 -13.99 -9.36
CA LEU A 246 -11.45 -13.18 -8.60
C LEU A 246 -11.18 -11.69 -8.78
N GLN A 247 -9.91 -11.31 -8.86
CA GLN A 247 -9.52 -9.92 -9.09
C GLN A 247 -10.03 -9.44 -10.44
N ASN A 248 -9.77 -10.24 -11.46
CA ASN A 248 -10.21 -9.91 -12.82
C ASN A 248 -11.73 -9.96 -12.95
N MET A 249 -12.38 -10.86 -12.20
CA MET A 249 -13.85 -10.96 -12.23
C MET A 249 -14.49 -9.67 -11.73
N VAL A 250 -14.06 -9.20 -10.57
CA VAL A 250 -14.62 -7.98 -9.99
C VAL A 250 -14.23 -6.75 -10.82
N HIS A 251 -13.03 -6.78 -11.41
CA HIS A 251 -12.58 -5.71 -12.30
C HIS A 251 -13.49 -5.65 -13.54
N CYS A 252 -13.83 -6.82 -14.09
CA CYS A 252 -14.75 -6.92 -15.22
C CYS A 252 -16.13 -6.37 -14.84
N ALA A 253 -16.60 -6.72 -13.65
CA ALA A 253 -17.89 -6.24 -13.13
C ALA A 253 -17.89 -4.71 -12.99
N ASP A 254 -16.77 -4.18 -12.50
CA ASP A 254 -16.57 -2.74 -12.36
C ASP A 254 -16.61 -2.07 -13.74
N LEU A 255 -16.10 -2.75 -14.76
CA LEU A 255 -16.05 -2.24 -16.12
C LEU A 255 -17.09 -2.92 -17.01
N SER A 256 -18.25 -3.22 -16.43
CA SER A 256 -19.31 -3.90 -17.18
C SER A 256 -20.37 -3.00 -17.81
N ASN A 257 -20.36 -1.70 -17.52
CA ASN A 257 -21.42 -0.83 -18.06
C ASN A 257 -21.61 -0.94 -19.59
N PRO A 258 -20.53 -0.89 -20.38
CA PRO A 258 -20.67 -0.99 -21.84
C PRO A 258 -21.17 -2.33 -22.36
N THR A 259 -21.21 -3.37 -21.51
CA THR A 259 -21.69 -4.69 -21.90
C THR A 259 -23.16 -4.93 -21.51
N LYS A 260 -23.81 -3.94 -20.93
CA LYS A 260 -25.19 -4.03 -20.51
C LYS A 260 -26.11 -3.50 -21.60
N PRO A 261 -27.40 -3.83 -21.53
CA PRO A 261 -28.35 -3.27 -22.49
C PRO A 261 -28.14 -1.76 -22.65
N LEU A 262 -28.17 -1.29 -23.89
CA LEU A 262 -27.89 0.12 -24.20
C LEU A 262 -28.59 1.13 -23.30
N GLN A 263 -29.85 0.90 -22.96
CA GLN A 263 -30.62 1.81 -22.12
C GLN A 263 -29.93 2.04 -20.77
N LEU A 264 -29.36 0.98 -20.22
CA LEU A 264 -28.63 1.05 -18.96
C LEU A 264 -27.26 1.73 -19.14
N TYR A 265 -26.51 1.28 -20.14
CA TYR A 265 -25.19 1.81 -20.46
C TYR A 265 -25.25 3.33 -20.65
N ARG A 266 -26.20 3.82 -21.43
CA ARG A 266 -26.34 5.26 -21.66
C ARG A 266 -26.56 6.03 -20.36
N GLN A 267 -27.31 5.45 -19.43
CA GLN A 267 -27.52 6.11 -18.14
C GLN A 267 -26.20 6.16 -17.36
N TRP A 268 -25.41 5.09 -17.42
CA TRP A 268 -24.12 5.07 -16.74
C TRP A 268 -23.18 6.10 -17.36
N THR A 269 -23.23 6.24 -18.67
CA THR A 269 -22.39 7.22 -19.36
C THR A 269 -22.75 8.63 -18.93
N ASP A 270 -24.05 8.92 -18.85
CA ASP A 270 -24.50 10.24 -18.41
C ASP A 270 -23.99 10.55 -17.02
N ARG A 271 -23.99 9.53 -16.16
CA ARG A 271 -23.58 9.69 -14.78
C ARG A 271 -22.07 9.91 -14.64
N ILE A 272 -21.25 9.11 -15.32
CA ILE A 272 -19.79 9.30 -15.20
C ILE A 272 -19.38 10.65 -15.81
N MET A 273 -20.04 11.05 -16.89
CA MET A 273 -19.70 12.32 -17.52
C MET A 273 -20.05 13.49 -16.58
N GLU A 274 -21.17 13.38 -15.85
CA GLU A 274 -21.53 14.43 -14.91
C GLU A 274 -20.47 14.52 -13.80
N GLU A 275 -20.04 13.38 -13.30
CA GLU A 275 -19.04 13.32 -12.24
C GLU A 275 -17.70 13.89 -12.73
N PHE A 276 -17.26 13.45 -13.90
CA PHE A 276 -16.03 13.90 -14.52
C PHE A 276 -16.06 15.42 -14.75
N PHE A 277 -17.16 15.92 -15.32
CA PHE A 277 -17.30 17.35 -15.57
C PHE A 277 -17.20 18.16 -14.29
N ARG A 278 -17.74 17.65 -13.19
CA ARG A 278 -17.63 18.34 -11.90
C ARG A 278 -16.17 18.39 -11.43
N GLN A 279 -15.43 17.30 -11.64
CA GLN A 279 -14.00 17.31 -11.31
C GLN A 279 -13.27 18.35 -12.16
N GLY A 280 -13.62 18.40 -13.45
CA GLY A 280 -13.02 19.34 -14.36
C GLY A 280 -13.30 20.78 -13.93
N ASP A 281 -14.50 21.02 -13.40
CA ASP A 281 -14.88 22.35 -12.93
C ASP A 281 -14.00 22.77 -11.75
N ARG A 282 -13.67 21.81 -10.90
CA ARG A 282 -12.80 22.06 -9.75
C ARG A 282 -11.37 22.33 -10.23
N GLU A 283 -10.93 21.57 -11.23
CA GLU A 283 -9.59 21.72 -11.80
C GLU A 283 -9.44 23.09 -12.48
N ARG A 284 -10.47 23.51 -13.20
CA ARG A 284 -10.45 24.79 -13.91
C ARG A 284 -10.36 25.98 -12.97
N GLU A 285 -11.10 25.95 -11.87
CA GLU A 285 -11.11 27.06 -10.91
C GLU A 285 -9.87 27.08 -10.03
N ARG A 286 -9.14 25.97 -10.01
CA ARG A 286 -7.88 25.86 -9.26
C ARG A 286 -6.70 26.19 -10.18
N GLY A 287 -6.97 26.35 -11.48
CA GLY A 287 -5.94 26.67 -12.46
C GLY A 287 -5.11 25.46 -12.87
N MET A 288 -5.68 24.27 -12.72
CA MET A 288 -4.99 23.03 -13.07
C MET A 288 -5.35 22.62 -14.49
N GLU A 289 -4.52 21.77 -15.09
CA GLU A 289 -4.83 21.22 -16.40
C GLU A 289 -6.06 20.33 -16.20
N ILE A 290 -7.04 20.45 -17.08
CA ILE A 290 -8.27 19.66 -16.95
C ILE A 290 -8.00 18.24 -17.46
N SER A 291 -8.33 17.25 -16.63
CA SER A 291 -8.08 15.84 -16.94
C SER A 291 -8.87 15.39 -18.16
N PRO A 292 -8.43 14.31 -18.82
CA PRO A 292 -9.15 13.78 -19.98
C PRO A 292 -10.62 13.49 -19.67
N MET A 293 -11.52 13.88 -20.58
CA MET A 293 -12.97 13.68 -20.43
C MET A 293 -13.64 14.53 -19.34
N CYS A 294 -12.92 15.48 -18.75
CA CYS A 294 -13.49 16.29 -17.66
C CYS A 294 -13.84 17.72 -18.03
N ASP A 295 -13.56 18.12 -19.26
CA ASP A 295 -13.83 19.48 -19.72
C ASP A 295 -15.17 19.54 -20.47
N LYS A 296 -16.20 20.04 -19.79
CA LYS A 296 -17.54 20.15 -20.36
C LYS A 296 -17.62 21.06 -21.59
N HIS A 297 -16.64 21.96 -21.74
CA HIS A 297 -16.59 22.88 -22.89
C HIS A 297 -15.81 22.33 -24.11
N ASN A 298 -15.09 21.22 -23.91
CA ASN A 298 -14.29 20.59 -24.98
C ASN A 298 -14.42 19.07 -24.92
N ALA A 299 -15.64 18.58 -24.79
CA ALA A 299 -15.90 17.15 -24.66
C ALA A 299 -16.35 16.50 -25.96
N SER A 300 -16.09 15.20 -26.06
CA SER A 300 -16.50 14.39 -27.19
C SER A 300 -16.92 13.06 -26.56
N VAL A 301 -18.12 13.06 -25.98
CA VAL A 301 -18.64 11.93 -25.20
C VAL A 301 -18.67 10.61 -25.96
N GLU A 302 -19.15 10.66 -27.19
CA GLU A 302 -19.31 9.46 -28.01
C GLU A 302 -17.97 8.88 -28.45
N LYS A 303 -17.06 9.75 -28.88
CA LYS A 303 -15.72 9.34 -29.27
C LYS A 303 -15.00 8.73 -28.06
N SER A 304 -15.21 9.32 -26.89
CA SER A 304 -14.59 8.84 -25.66
C SER A 304 -15.09 7.44 -25.28
N GLN A 305 -16.38 7.17 -25.50
CA GLN A 305 -16.93 5.85 -25.20
C GLN A 305 -16.36 4.81 -26.15
N VAL A 306 -16.26 5.15 -27.43
CA VAL A 306 -15.70 4.22 -28.40
C VAL A 306 -14.23 3.93 -28.04
N GLY A 307 -13.51 4.96 -27.59
CA GLY A 307 -12.12 4.80 -27.19
C GLY A 307 -12.00 3.96 -25.93
N PHE A 308 -12.91 4.17 -24.99
CA PHE A 308 -12.94 3.41 -23.73
C PHE A 308 -13.15 1.93 -24.05
N ILE A 309 -14.06 1.64 -24.97
CA ILE A 309 -14.32 0.25 -25.35
C ILE A 309 -13.14 -0.37 -26.09
N ASP A 310 -12.61 0.33 -27.09
CA ASP A 310 -11.53 -0.21 -27.91
C ASP A 310 -10.24 -0.48 -27.15
N TYR A 311 -9.87 0.44 -26.27
CA TYR A 311 -8.60 0.39 -25.58
C TYR A 311 -8.58 -0.28 -24.20
N ILE A 312 -9.73 -0.31 -23.53
CA ILE A 312 -9.82 -0.87 -22.17
C ILE A 312 -10.83 -2.00 -22.00
N VAL A 313 -12.10 -1.70 -22.27
CA VAL A 313 -13.20 -2.61 -21.96
C VAL A 313 -13.23 -3.86 -22.87
N HIS A 314 -13.10 -3.68 -24.17
CA HIS A 314 -13.11 -4.83 -25.08
C HIS A 314 -11.90 -5.76 -24.87
N PRO A 315 -10.68 -5.24 -24.80
CA PRO A 315 -9.53 -6.12 -24.55
C PRO A 315 -9.72 -6.96 -23.30
N LEU A 316 -10.21 -6.36 -22.22
CA LEU A 316 -10.46 -7.08 -20.97
C LEU A 316 -11.55 -8.15 -21.15
N TRP A 317 -12.70 -7.77 -21.70
CA TRP A 317 -13.82 -8.69 -21.85
C TRP A 317 -13.58 -9.82 -22.86
N GLU A 318 -12.79 -9.56 -23.89
CA GLU A 318 -12.47 -10.58 -24.89
C GLU A 318 -11.56 -11.63 -24.23
N THR A 319 -10.69 -11.17 -23.35
CA THR A 319 -9.79 -12.07 -22.61
C THR A 319 -10.58 -12.89 -21.60
N TRP A 320 -11.49 -12.24 -20.85
CA TRP A 320 -12.35 -12.96 -19.92
C TRP A 320 -13.16 -14.01 -20.68
N ALA A 321 -13.70 -13.63 -21.84
CA ALA A 321 -14.48 -14.53 -22.68
C ALA A 321 -13.66 -15.75 -23.10
N ASP A 322 -12.38 -15.55 -23.38
CA ASP A 322 -11.50 -16.66 -23.74
C ASP A 322 -11.31 -17.62 -22.56
N LEU A 323 -11.20 -17.06 -21.36
CA LEU A 323 -11.03 -17.86 -20.13
C LEU A 323 -12.23 -18.78 -19.88
N VAL A 324 -13.43 -18.26 -20.06
CA VAL A 324 -14.67 -19.02 -19.80
C VAL A 324 -15.44 -19.41 -21.07
N HIS A 325 -14.76 -19.44 -22.21
CA HIS A 325 -15.39 -19.73 -23.50
C HIS A 325 -16.28 -20.97 -23.43
N PRO A 326 -17.51 -20.92 -23.98
CA PRO A 326 -18.12 -19.76 -24.65
C PRO A 326 -19.16 -19.02 -23.79
N ASP A 327 -19.08 -19.15 -22.48
CA ASP A 327 -20.09 -18.60 -21.57
C ASP A 327 -20.36 -17.11 -21.62
N ALA A 328 -19.34 -16.33 -21.97
CA ALA A 328 -19.47 -14.87 -22.00
C ALA A 328 -19.79 -14.31 -23.38
N GLN A 329 -20.14 -15.17 -24.34
CA GLN A 329 -20.40 -14.72 -25.70
C GLN A 329 -21.52 -13.69 -25.81
N ASP A 330 -22.60 -13.87 -25.05
CA ASP A 330 -23.73 -12.93 -25.09
C ASP A 330 -23.32 -11.56 -24.53
N ILE A 331 -22.43 -11.54 -23.53
CA ILE A 331 -21.94 -10.29 -22.96
C ILE A 331 -21.06 -9.56 -23.98
N LEU A 332 -20.20 -10.32 -24.66
CA LEU A 332 -19.30 -9.75 -25.65
C LEU A 332 -20.10 -9.24 -26.85
N ASP A 333 -21.16 -9.96 -27.21
CA ASP A 333 -22.01 -9.56 -28.34
C ASP A 333 -22.66 -8.22 -28.03
N THR A 334 -23.12 -8.05 -26.80
CA THR A 334 -23.77 -6.80 -26.40
C THR A 334 -22.77 -5.65 -26.42
N LEU A 335 -21.56 -5.90 -25.92
CA LEU A 335 -20.50 -4.90 -25.94
C LEU A 335 -20.24 -4.42 -27.37
N GLU A 336 -20.11 -5.35 -28.30
CA GLU A 336 -19.85 -4.98 -29.70
C GLU A 336 -21.05 -4.24 -30.32
N ASP A 337 -22.27 -4.63 -29.96
CA ASP A 337 -23.48 -3.94 -30.43
C ASP A 337 -23.47 -2.49 -29.97
N ASN A 338 -23.11 -2.28 -28.70
CA ASN A 338 -23.10 -0.94 -28.13
C ASN A 338 -21.99 -0.07 -28.69
N ARG A 339 -20.85 -0.68 -28.99
CA ARG A 339 -19.74 0.04 -29.61
C ARG A 339 -20.16 0.52 -30.99
N GLU A 340 -20.81 -0.36 -31.75
CA GLU A 340 -21.33 -0.05 -33.08
C GLU A 340 -22.34 1.11 -33.03
N TRP A 341 -23.19 1.11 -32.01
CA TRP A 341 -24.17 2.17 -31.87
C TRP A 341 -23.49 3.50 -31.53
N TYR A 342 -22.61 3.51 -30.53
CA TYR A 342 -21.95 4.76 -30.17
C TYR A 342 -21.17 5.33 -31.36
N GLN A 343 -20.52 4.45 -32.14
CA GLN A 343 -19.76 4.87 -33.30
C GLN A 343 -20.67 5.53 -34.33
N SER A 344 -21.89 4.99 -34.47
CA SER A 344 -22.86 5.51 -35.42
C SER A 344 -23.33 6.93 -35.02
N THR A 345 -23.21 7.30 -33.75
CA THR A 345 -23.59 8.66 -33.34
C THR A 345 -22.50 9.69 -33.66
N ILE A 346 -21.34 9.23 -34.12
CA ILE A 346 -20.25 10.14 -34.53
C ILE A 346 -20.38 10.42 -36.03
N PRO A 347 -20.64 11.67 -36.41
CA PRO A 347 -20.77 12.00 -37.84
C PRO A 347 -19.51 11.71 -38.64
N THR B 22 29.36 26.65 26.37
CA THR B 22 29.38 25.86 27.64
C THR B 22 30.29 24.65 27.51
N GLU B 23 30.55 23.99 28.63
CA GLU B 23 31.38 22.79 28.67
C GLU B 23 30.69 21.60 27.99
N GLN B 24 29.37 21.50 28.13
CA GLN B 24 28.61 20.41 27.53
C GLN B 24 28.56 20.53 26.00
N GLU B 25 28.40 21.75 25.50
CA GLU B 25 28.36 21.99 24.05
C GLU B 25 29.72 21.69 23.41
N ASP B 26 30.79 21.94 24.18
CA ASP B 26 32.16 21.66 23.74
C ASP B 26 32.35 20.15 23.54
N VAL B 27 31.91 19.37 24.52
CA VAL B 27 32.03 17.91 24.45
C VAL B 27 31.13 17.35 23.37
N LEU B 28 29.99 18.01 23.12
CA LEU B 28 29.06 17.57 22.08
C LEU B 28 29.71 17.77 20.71
N ALA B 29 30.33 18.95 20.53
CA ALA B 29 31.00 19.28 19.28
C ALA B 29 32.13 18.30 18.99
N LYS B 30 32.84 17.92 20.04
CA LYS B 30 33.95 16.96 19.92
C LYS B 30 33.47 15.60 19.41
N GLU B 31 32.37 15.11 19.98
CA GLU B 31 31.82 13.83 19.58
C GLU B 31 31.30 13.90 18.14
N LEU B 32 30.79 15.06 17.72
CA LEU B 32 30.24 15.24 16.37
C LEU B 32 31.32 15.28 15.28
N GLU B 33 32.58 15.43 15.68
CA GLU B 33 33.71 15.39 14.74
C GLU B 33 33.82 14.01 14.08
N ASP B 34 33.24 12.99 14.72
CA ASP B 34 33.23 11.61 14.20
C ASP B 34 32.05 11.30 13.29
N VAL B 35 31.30 12.32 12.85
CA VAL B 35 30.08 12.10 12.06
C VAL B 35 30.29 11.33 10.73
N ASN B 36 31.49 11.37 10.18
CA ASN B 36 31.82 10.64 8.95
C ASN B 36 32.35 9.23 9.21
N LYS B 37 32.35 8.79 10.47
CA LYS B 37 32.90 7.49 10.84
C LYS B 37 31.87 6.47 11.29
N TRP B 38 32.11 5.22 10.89
CA TRP B 38 31.32 4.08 11.35
C TRP B 38 31.71 3.88 12.81
N GLY B 39 30.74 3.85 13.71
CA GLY B 39 31.03 3.68 15.13
C GLY B 39 30.91 4.94 15.96
N LEU B 40 30.30 5.98 15.38
CA LEU B 40 30.02 7.23 16.10
C LEU B 40 29.38 6.91 17.46
N HIS B 41 29.75 7.65 18.50
CA HIS B 41 29.19 7.46 19.84
C HIS B 41 27.80 8.10 19.91
N VAL B 42 26.84 7.47 19.26
CA VAL B 42 25.49 8.02 19.12
C VAL B 42 24.71 8.13 20.45
N PHE B 43 24.94 7.24 21.40
CA PHE B 43 24.23 7.33 22.68
C PHE B 43 24.76 8.50 23.50
N ARG B 44 26.07 8.75 23.42
CA ARG B 44 26.66 9.89 24.09
C ARG B 44 26.12 11.17 23.50
N ILE B 45 26.01 11.23 22.18
CA ILE B 45 25.49 12.41 21.49
C ILE B 45 24.06 12.66 21.91
N ALA B 46 23.28 11.58 22.09
CA ALA B 46 21.90 11.69 22.55
C ALA B 46 21.85 12.38 23.91
N GLU B 47 22.73 11.99 24.83
CA GLU B 47 22.80 12.59 26.17
C GLU B 47 23.33 14.03 26.15
N LEU B 48 24.45 14.24 25.47
CA LEU B 48 25.09 15.55 25.41
C LEU B 48 24.26 16.64 24.72
N SER B 49 23.37 16.22 23.83
CA SER B 49 22.52 17.15 23.09
C SER B 49 21.19 17.43 23.77
N GLY B 50 20.97 16.87 24.96
CA GLY B 50 19.72 17.04 25.68
C GLY B 50 18.61 16.27 24.99
N ASN B 51 18.91 15.03 24.62
CA ASN B 51 17.99 14.15 23.92
C ASN B 51 17.56 14.69 22.55
N ARG B 52 18.51 15.27 21.84
CA ARG B 52 18.27 15.75 20.48
C ARG B 52 19.28 15.15 19.49
N PRO B 53 19.54 13.84 19.55
CA PRO B 53 20.52 13.25 18.62
C PRO B 53 20.10 13.38 17.16
N LEU B 54 18.82 13.24 16.85
CA LEU B 54 18.37 13.32 15.46
C LEU B 54 18.56 14.72 14.90
N THR B 55 18.22 15.72 15.70
CA THR B 55 18.34 17.10 15.28
C THR B 55 19.80 17.50 15.05
N VAL B 56 20.68 17.23 16.00
CA VAL B 56 22.07 17.65 15.86
C VAL B 56 22.84 16.86 14.81
N ILE B 57 22.53 15.58 14.65
CA ILE B 57 23.23 14.76 13.65
C ILE B 57 22.76 15.15 12.24
N MET B 58 21.45 15.38 12.07
CA MET B 58 20.92 15.83 10.78
C MET B 58 21.49 17.20 10.42
N HIS B 59 21.50 18.11 11.38
CA HIS B 59 22.02 19.46 11.13
C HIS B 59 23.49 19.38 10.74
N THR B 60 24.26 18.59 11.47
CA THR B 60 25.69 18.42 11.18
C THR B 60 25.92 17.84 9.78
N ILE B 61 25.13 16.85 9.40
CA ILE B 61 25.27 16.21 8.09
C ILE B 61 24.84 17.15 6.95
N PHE B 62 23.79 17.94 7.17
CA PHE B 62 23.33 18.88 6.15
C PHE B 62 24.41 19.93 5.92
N GLN B 63 25.11 20.33 6.97
CA GLN B 63 26.19 21.31 6.87
C GLN B 63 27.39 20.70 6.14
N GLU B 64 27.76 19.48 6.54
CA GLU B 64 28.89 18.78 5.95
C GLU B 64 28.73 18.57 4.44
N ARG B 65 27.51 18.29 4.02
CA ARG B 65 27.19 18.05 2.60
C ARG B 65 26.76 19.32 1.85
N ASP B 66 26.76 20.46 2.54
CA ASP B 66 26.37 21.75 1.98
C ASP B 66 24.93 21.77 1.43
N LEU B 67 24.07 20.95 2.04
CA LEU B 67 22.68 20.83 1.59
C LEU B 67 21.84 22.08 1.85
N LEU B 68 22.17 22.86 2.87
CA LEU B 68 21.40 24.09 3.14
C LEU B 68 21.58 25.10 1.99
N LYS B 69 22.81 25.26 1.51
CA LYS B 69 23.10 26.17 0.42
C LYS B 69 22.54 25.64 -0.90
N THR B 70 22.78 24.37 -1.17
CA THR B 70 22.35 23.75 -2.42
C THR B 70 20.85 23.86 -2.65
N PHE B 71 20.07 23.58 -1.61
CA PHE B 71 18.60 23.57 -1.71
C PHE B 71 17.91 24.78 -1.07
N LYS B 72 18.70 25.80 -0.74
CA LYS B 72 18.20 27.04 -0.16
C LYS B 72 17.29 26.79 1.04
N ILE B 73 17.75 25.96 1.97
CA ILE B 73 16.98 25.63 3.16
C ILE B 73 17.34 26.61 4.27
N PRO B 74 16.39 27.42 4.74
CA PRO B 74 16.69 28.32 5.86
C PRO B 74 17.07 27.50 7.09
N VAL B 75 18.13 27.88 7.79
CA VAL B 75 18.59 27.12 8.94
C VAL B 75 17.51 27.00 10.04
N ASP B 76 16.79 28.09 10.33
CA ASP B 76 15.72 28.04 11.33
C ASP B 76 14.60 27.05 10.94
N THR B 77 14.33 26.91 9.64
CA THR B 77 13.32 25.99 9.15
C THR B 77 13.78 24.54 9.32
N LEU B 78 15.05 24.29 9.04
CA LEU B 78 15.61 22.96 9.21
C LEU B 78 15.52 22.54 10.67
N ILE B 79 15.96 23.40 11.58
CA ILE B 79 15.95 23.08 13.00
C ILE B 79 14.52 22.91 13.52
N THR B 80 13.59 23.75 13.06
CA THR B 80 12.20 23.64 13.51
C THR B 80 11.59 22.32 13.08
N TYR B 81 11.77 21.95 11.81
CA TYR B 81 11.26 20.67 11.32
C TYR B 81 11.90 19.48 12.06
N LEU B 82 13.23 19.51 12.19
CA LEU B 82 13.95 18.42 12.84
C LEU B 82 13.49 18.19 14.27
N MET B 83 13.30 19.27 15.03
CA MET B 83 12.86 19.12 16.42
C MET B 83 11.45 18.58 16.48
N THR B 84 10.62 19.04 15.54
CA THR B 84 9.24 18.58 15.45
C THR B 84 9.19 17.09 15.11
N LEU B 85 10.00 16.69 14.13
CA LEU B 85 10.10 15.29 13.72
C LEU B 85 10.58 14.43 14.89
N GLU B 86 11.65 14.88 15.54
CA GLU B 86 12.22 14.17 16.68
C GLU B 86 11.20 13.99 17.81
N ASP B 87 10.39 15.01 18.06
CA ASP B 87 9.33 14.97 19.07
C ASP B 87 8.30 13.87 18.80
N HIS B 88 8.16 13.48 17.53
CA HIS B 88 7.20 12.45 17.12
C HIS B 88 7.74 11.02 17.21
N TYR B 89 9.00 10.86 17.61
CA TYR B 89 9.54 9.56 18.00
C TYR B 89 9.14 9.42 19.48
N HIS B 90 8.84 8.20 19.92
CA HIS B 90 8.35 7.97 21.28
C HIS B 90 9.49 7.81 22.29
N ALA B 91 9.44 8.61 23.36
CA ALA B 91 10.46 8.56 24.40
C ALA B 91 10.48 7.25 25.18
N ASP B 92 9.35 6.55 25.22
CA ASP B 92 9.23 5.30 26.01
C ASP B 92 9.33 3.99 25.21
N VAL B 93 9.74 4.08 23.95
CA VAL B 93 9.97 2.90 23.11
C VAL B 93 11.50 2.71 23.19
N ALA B 94 11.95 1.53 23.63
CA ALA B 94 13.36 1.28 23.91
C ALA B 94 14.30 1.25 22.72
N TYR B 95 13.81 0.78 21.58
CA TYR B 95 14.63 0.70 20.37
C TYR B 95 14.21 1.68 19.27
N HIS B 96 12.94 1.64 18.85
CA HIS B 96 12.46 2.46 17.74
C HIS B 96 12.15 3.89 18.15
N ASN B 97 13.21 4.61 18.50
CA ASN B 97 13.10 5.96 19.01
C ASN B 97 14.03 6.88 18.24
N ASN B 98 14.13 8.13 18.68
CA ASN B 98 14.96 9.14 18.02
C ASN B 98 16.46 8.77 17.91
N ILE B 99 16.97 7.96 18.83
CA ILE B 99 18.37 7.55 18.77
C ILE B 99 18.56 6.59 17.59
N HIS B 100 17.62 5.66 17.40
CA HIS B 100 17.66 4.77 16.25
C HIS B 100 17.59 5.57 14.95
N ALA B 101 16.70 6.56 14.88
CA ALA B 101 16.57 7.40 13.68
C ALA B 101 17.89 8.10 13.38
N ALA B 102 18.50 8.66 14.42
CA ALA B 102 19.78 9.36 14.27
C ALA B 102 20.88 8.42 13.78
N ASP B 103 20.87 7.21 14.31
CA ASP B 103 21.85 6.20 13.96
C ASP B 103 21.70 5.76 12.49
N VAL B 104 20.46 5.60 12.02
CA VAL B 104 20.23 5.19 10.64
C VAL B 104 20.62 6.34 9.67
N VAL B 105 20.30 7.58 10.04
CA VAL B 105 20.69 8.75 9.27
C VAL B 105 22.20 8.79 9.11
N GLN B 106 22.92 8.65 10.23
CA GLN B 106 24.37 8.75 10.21
C GLN B 106 25.01 7.61 9.44
N SER B 107 24.43 6.42 9.56
CA SER B 107 24.96 5.23 8.88
C SER B 107 24.76 5.38 7.36
N THR B 108 23.57 5.80 6.96
CA THR B 108 23.30 6.12 5.55
C THR B 108 24.30 7.16 5.03
N HIS B 109 24.57 8.20 5.82
CA HIS B 109 25.53 9.26 5.45
C HIS B 109 26.91 8.67 5.16
N VAL B 110 27.37 7.73 5.98
CA VAL B 110 28.66 7.09 5.75
C VAL B 110 28.63 6.21 4.50
N LEU B 111 27.55 5.45 4.30
CA LEU B 111 27.42 4.58 3.14
C LEU B 111 27.38 5.37 1.83
N LEU B 112 26.79 6.57 1.86
CA LEU B 112 26.73 7.42 0.67
C LEU B 112 28.12 7.93 0.27
N SER B 113 29.03 8.00 1.25
CA SER B 113 30.40 8.46 1.00
C SER B 113 31.35 7.36 0.55
N THR B 114 30.85 6.14 0.35
CA THR B 114 31.74 5.03 -0.04
C THR B 114 32.40 5.34 -1.40
N PRO B 115 33.72 5.13 -1.50
CA PRO B 115 34.46 5.43 -2.74
C PRO B 115 33.82 4.88 -4.02
N ALA B 116 33.23 3.69 -3.96
CA ALA B 116 32.61 3.05 -5.13
C ALA B 116 31.38 3.79 -5.65
N LEU B 117 30.83 4.70 -4.85
CA LEU B 117 29.66 5.48 -5.25
C LEU B 117 29.96 6.97 -5.44
N GLU B 118 31.24 7.33 -5.49
CA GLU B 118 31.61 8.74 -5.64
C GLU B 118 31.03 9.35 -6.92
N ALA B 119 30.35 10.48 -6.76
CA ALA B 119 29.71 11.21 -7.86
C ALA B 119 28.57 10.45 -8.57
N VAL B 120 28.14 9.33 -8.01
CA VAL B 120 27.10 8.51 -8.64
C VAL B 120 25.71 9.11 -8.47
N PHE B 121 25.39 9.57 -7.26
CA PHE B 121 24.06 10.11 -6.96
C PHE B 121 24.01 11.65 -7.02
N THR B 122 22.84 12.16 -7.42
CA THR B 122 22.64 13.60 -7.50
C THR B 122 22.41 14.14 -6.12
N ASP B 123 22.48 15.45 -5.99
CA ASP B 123 22.23 16.09 -4.70
C ASP B 123 20.81 15.79 -4.22
N LEU B 124 19.84 15.71 -5.14
CA LEU B 124 18.44 15.42 -4.75
C LEU B 124 18.29 13.99 -4.27
N GLU B 125 19.05 13.06 -4.86
CA GLU B 125 19.01 11.66 -4.43
C GLU B 125 19.62 11.51 -3.04
N ILE B 126 20.70 12.25 -2.78
CA ILE B 126 21.36 12.25 -1.49
C ILE B 126 20.41 12.81 -0.44
N LEU B 127 19.77 13.93 -0.76
CA LEU B 127 18.80 14.54 0.13
C LEU B 127 17.65 13.55 0.42
N ALA B 128 17.18 12.85 -0.60
CA ALA B 128 16.10 11.88 -0.45
C ALA B 128 16.48 10.74 0.52
N ALA B 129 17.67 10.19 0.34
CA ALA B 129 18.13 9.08 1.17
C ALA B 129 18.30 9.49 2.63
N ILE B 130 18.85 10.67 2.87
CA ILE B 130 19.07 11.16 4.22
C ILE B 130 17.74 11.51 4.90
N PHE B 131 16.86 12.21 4.17
CA PHE B 131 15.54 12.54 4.70
C PHE B 131 14.73 11.29 5.00
N ALA B 132 14.77 10.31 4.09
CA ALA B 132 14.04 9.05 4.29
C ALA B 132 14.52 8.38 5.56
N SER B 133 15.84 8.32 5.74
CA SER B 133 16.42 7.72 6.94
C SER B 133 15.93 8.41 8.22
N ALA B 134 15.81 9.73 8.18
CA ALA B 134 15.39 10.49 9.35
C ALA B 134 13.95 10.21 9.77
N ILE B 135 13.08 10.06 8.79
CA ILE B 135 11.65 9.85 9.08
C ILE B 135 11.23 8.39 9.10
N HIS B 136 12.14 7.48 8.79
CA HIS B 136 11.75 6.09 8.48
C HIS B 136 10.99 5.32 9.55
N ASP B 137 11.13 5.69 10.82
CA ASP B 137 10.41 5.01 11.91
C ASP B 137 9.63 5.97 12.81
N VAL B 138 9.30 7.15 12.30
CA VAL B 138 8.64 8.17 13.14
C VAL B 138 7.26 7.69 13.62
N ASP B 139 6.98 7.94 14.91
CA ASP B 139 5.73 7.59 15.57
C ASP B 139 5.57 6.07 15.70
N HIS B 140 6.70 5.35 15.74
CA HIS B 140 6.67 3.89 15.92
C HIS B 140 6.15 3.59 17.33
N PRO B 141 5.11 2.74 17.47
CA PRO B 141 4.53 2.42 18.78
C PRO B 141 5.29 1.35 19.60
N GLY B 142 6.34 0.77 19.05
CA GLY B 142 7.12 -0.24 19.74
C GLY B 142 6.58 -1.66 19.59
N VAL B 143 5.70 -1.87 18.63
CA VAL B 143 5.19 -3.20 18.31
C VAL B 143 5.29 -3.39 16.78
N SER B 144 5.39 -4.64 16.35
CA SER B 144 5.58 -4.99 14.96
C SER B 144 4.31 -4.90 14.11
N ASN B 145 4.51 -4.91 12.80
CA ASN B 145 3.42 -4.97 11.85
C ASN B 145 2.51 -6.15 12.12
N GLN B 146 3.08 -7.31 12.41
CA GLN B 146 2.29 -8.52 12.67
C GLN B 146 1.41 -8.36 13.91
N PHE B 147 1.96 -7.76 14.96
CA PHE B 147 1.20 -7.51 16.18
C PHE B 147 0.02 -6.58 15.86
N LEU B 148 0.29 -5.51 15.12
CA LEU B 148 -0.75 -4.55 14.74
C LEU B 148 -1.84 -5.21 13.90
N ILE B 149 -1.44 -6.14 13.04
CA ILE B 149 -2.40 -6.86 12.19
C ILE B 149 -3.22 -7.85 13.03
N ASN B 150 -2.55 -8.61 13.88
CA ASN B 150 -3.19 -9.63 14.72
C ASN B 150 -4.14 -9.08 15.78
N THR B 151 -3.92 -7.83 16.20
CA THR B 151 -4.75 -7.19 17.21
C THR B 151 -5.82 -6.29 16.62
N ASN B 152 -5.98 -6.32 15.29
CA ASN B 152 -6.99 -5.51 14.60
C ASN B 152 -6.87 -4.04 14.98
N SER B 153 -5.64 -3.54 15.00
CA SER B 153 -5.33 -2.17 15.37
C SER B 153 -5.85 -1.15 14.37
N GLU B 154 -6.01 0.08 14.84
CA GLU B 154 -6.45 1.18 13.98
C GLU B 154 -5.49 1.36 12.81
N LEU B 155 -4.18 1.20 13.05
CA LEU B 155 -3.17 1.35 12.01
C LEU B 155 -3.32 0.29 10.93
N ALA B 156 -3.51 -0.96 11.34
CA ALA B 156 -3.68 -2.07 10.39
C ALA B 156 -4.97 -1.93 9.60
N LEU B 157 -6.01 -1.37 10.23
CA LEU B 157 -7.29 -1.14 9.55
C LEU B 157 -7.15 -0.01 8.52
N MET B 158 -6.40 1.02 8.87
CA MET B 158 -6.18 2.14 7.96
C MET B 158 -5.40 1.70 6.72
N TYR B 159 -4.42 0.84 6.94
CA TYR B 159 -3.46 0.47 5.88
C TYR B 159 -3.62 -0.92 5.28
N ASN B 160 -4.72 -1.59 5.59
CA ASN B 160 -5.05 -2.88 4.98
C ASN B 160 -3.95 -3.93 5.07
N ASP B 161 -3.37 -4.01 6.27
CA ASP B 161 -2.33 -4.99 6.62
C ASP B 161 -1.07 -4.94 5.75
N SER B 162 -0.93 -3.90 4.93
CA SER B 162 0.15 -3.80 3.96
C SER B 162 1.14 -2.70 4.34
N SER B 163 2.38 -3.09 4.68
CA SER B 163 3.42 -2.14 5.11
C SER B 163 2.78 -1.10 6.04
N VAL B 164 2.12 -1.60 7.09
CA VAL B 164 1.35 -0.77 8.01
C VAL B 164 2.17 0.36 8.62
N LEU B 165 3.22 0.00 9.33
CA LEU B 165 4.06 0.97 10.00
C LEU B 165 4.78 1.88 9.01
N GLU B 166 5.31 1.31 7.94
CA GLU B 166 6.10 2.06 6.98
C GLU B 166 5.27 3.11 6.25
N ASN B 167 4.02 2.79 5.92
CA ASN B 167 3.14 3.79 5.32
C ASN B 167 2.88 4.91 6.33
N HIS B 168 2.72 4.54 7.60
CA HIS B 168 2.46 5.52 8.67
C HIS B 168 3.65 6.46 8.91
N HIS B 169 4.86 5.90 8.91
CA HIS B 169 6.07 6.69 9.12
C HIS B 169 6.16 7.77 8.02
N LEU B 170 5.91 7.37 6.79
CA LEU B 170 5.91 8.28 5.64
C LEU B 170 4.87 9.37 5.79
N ALA B 171 3.64 9.01 6.11
CA ALA B 171 2.55 9.97 6.24
C ALA B 171 2.87 11.01 7.30
N VAL B 172 3.39 10.57 8.44
CA VAL B 172 3.74 11.50 9.52
C VAL B 172 4.93 12.37 9.12
N GLY B 173 5.99 11.76 8.59
CA GLY B 173 7.17 12.52 8.19
C GLY B 173 6.86 13.63 7.20
N PHE B 174 5.96 13.35 6.25
CA PHE B 174 5.55 14.33 5.25
C PHE B 174 4.58 15.35 5.85
N LYS B 175 3.65 14.90 6.68
CA LYS B 175 2.66 15.79 7.27
C LYS B 175 3.30 16.90 8.11
N LEU B 176 4.37 16.57 8.81
CA LEU B 176 5.05 17.53 9.67
C LEU B 176 5.71 18.68 8.90
N LEU B 177 5.96 18.50 7.60
CA LEU B 177 6.51 19.57 6.78
C LEU B 177 5.53 20.73 6.65
N GLN B 178 4.24 20.47 6.89
CA GLN B 178 3.17 21.47 6.79
C GLN B 178 2.97 22.33 8.04
N GLU B 179 3.69 22.02 9.12
CA GLU B 179 3.60 22.82 10.34
C GLU B 179 4.33 24.15 10.12
N GLU B 180 4.07 25.14 10.97
CA GLU B 180 4.68 26.46 10.81
C GLU B 180 6.20 26.42 10.80
N ASN B 181 6.77 27.02 9.76
CA ASN B 181 8.22 27.10 9.56
C ASN B 181 8.90 25.74 9.54
N CYS B 182 8.23 24.75 8.94
CA CYS B 182 8.76 23.39 8.85
C CYS B 182 9.02 22.91 7.44
N ASP B 183 8.64 23.67 6.40
CA ASP B 183 8.83 23.16 5.04
C ASP B 183 10.26 23.34 4.56
N ILE B 184 11.10 22.35 4.84
CA ILE B 184 12.50 22.41 4.44
C ILE B 184 12.70 22.32 2.93
N PHE B 185 11.65 21.92 2.20
CA PHE B 185 11.73 21.83 0.73
C PHE B 185 11.04 22.99 0.02
N GLN B 186 10.74 24.06 0.74
CA GLN B 186 10.02 25.21 0.19
C GLN B 186 10.67 25.85 -1.06
N ASN B 187 11.99 25.73 -1.20
CA ASN B 187 12.71 26.34 -2.32
C ASN B 187 13.13 25.36 -3.43
N LEU B 188 12.66 24.11 -3.34
CA LEU B 188 12.85 23.15 -4.40
C LEU B 188 11.81 23.48 -5.46
N THR B 189 12.08 23.13 -6.71
CA THR B 189 11.13 23.33 -7.79
C THR B 189 10.04 22.27 -7.64
N LYS B 190 8.93 22.46 -8.34
CA LYS B 190 7.82 21.50 -8.31
C LYS B 190 8.29 20.11 -8.74
N LYS B 191 9.11 20.04 -9.79
CA LYS B 191 9.61 18.77 -10.29
C LYS B 191 10.53 18.11 -9.28
N GLN B 192 11.36 18.91 -8.61
CA GLN B 192 12.27 18.40 -7.59
C GLN B 192 11.46 17.83 -6.41
N ARG B 193 10.42 18.55 -6.00
CA ARG B 193 9.56 18.11 -4.90
C ARG B 193 8.84 16.81 -5.26
N GLN B 194 8.36 16.70 -6.49
CA GLN B 194 7.68 15.51 -6.95
C GLN B 194 8.64 14.31 -6.96
N SER B 195 9.84 14.49 -7.51
CA SER B 195 10.82 13.42 -7.58
C SER B 195 11.26 12.98 -6.19
N LEU B 196 11.55 13.95 -5.33
CA LEU B 196 11.96 13.68 -3.96
C LEU B 196 10.90 12.88 -3.23
N ARG B 197 9.64 13.29 -3.34
CA ARG B 197 8.54 12.59 -2.68
C ARG B 197 8.50 11.12 -3.09
N LYS B 198 8.58 10.88 -4.40
CA LYS B 198 8.52 9.52 -4.94
C LYS B 198 9.68 8.67 -4.42
N MET B 199 10.88 9.24 -4.43
CA MET B 199 12.07 8.53 -3.98
C MET B 199 11.99 8.18 -2.48
N VAL B 200 11.53 9.14 -1.67
CA VAL B 200 11.43 8.92 -0.23
C VAL B 200 10.41 7.82 0.07
N ILE B 201 9.28 7.83 -0.62
CA ILE B 201 8.28 6.78 -0.45
C ILE B 201 8.87 5.42 -0.82
N ASP B 202 9.52 5.34 -1.98
CA ASP B 202 10.15 4.09 -2.43
C ASP B 202 11.18 3.55 -1.43
N ILE B 203 11.92 4.45 -0.80
CA ILE B 203 12.96 4.07 0.14
C ILE B 203 12.38 3.60 1.48
N VAL B 204 11.49 4.38 2.08
CA VAL B 204 10.94 3.98 3.38
C VAL B 204 10.08 2.71 3.28
N LEU B 205 9.34 2.55 2.19
CA LEU B 205 8.54 1.33 2.03
C LEU B 205 9.45 0.11 1.93
N ALA B 206 10.66 0.28 1.40
CA ALA B 206 11.61 -0.82 1.30
C ALA B 206 12.22 -1.24 2.66
N THR B 207 12.00 -0.44 3.71
CA THR B 207 12.46 -0.84 5.06
C THR B 207 11.51 -1.83 5.75
N ASP B 208 10.37 -2.12 5.13
CA ASP B 208 9.43 -3.14 5.63
C ASP B 208 10.17 -4.48 5.57
N MET B 209 10.36 -5.13 6.72
CA MET B 209 11.13 -6.37 6.77
C MET B 209 10.55 -7.50 5.94
N SER B 210 9.26 -7.46 5.64
CA SER B 210 8.63 -8.50 4.81
C SER B 210 9.11 -8.44 3.34
N LYS B 211 9.75 -7.34 2.97
CA LYS B 211 10.30 -7.15 1.63
C LYS B 211 11.79 -7.44 1.55
N HIS B 212 12.39 -7.85 2.68
CA HIS B 212 13.83 -8.09 2.75
C HIS B 212 14.35 -9.08 1.72
N MET B 213 13.70 -10.22 1.59
CA MET B 213 14.18 -11.25 0.67
C MET B 213 14.14 -10.79 -0.79
N ASN B 214 13.08 -10.08 -1.16
CA ASN B 214 12.94 -9.57 -2.53
C ASN B 214 13.95 -8.48 -2.84
N LEU B 215 14.23 -7.63 -1.85
CA LEU B 215 15.21 -6.57 -1.99
C LEU B 215 16.61 -7.14 -2.15
N LEU B 216 16.93 -8.16 -1.36
CA LEU B 216 18.23 -8.79 -1.40
C LEU B 216 18.43 -9.56 -2.72
N ALA B 217 17.36 -10.17 -3.22
CA ALA B 217 17.44 -10.91 -4.50
C ALA B 217 17.78 -9.93 -5.60
N ASP B 218 17.19 -8.73 -5.55
CA ASP B 218 17.44 -7.70 -6.54
C ASP B 218 18.84 -7.10 -6.41
N LEU B 219 19.33 -7.00 -5.19
CA LEU B 219 20.68 -6.51 -4.95
C LEU B 219 21.70 -7.50 -5.50
N LYS B 220 21.45 -8.79 -5.31
CA LYS B 220 22.37 -9.83 -5.79
C LYS B 220 22.43 -9.80 -7.32
N THR B 221 21.29 -9.56 -7.95
CA THR B 221 21.22 -9.47 -9.41
C THR B 221 22.05 -8.27 -9.91
N MET B 222 21.98 -7.16 -9.19
CA MET B 222 22.74 -5.96 -9.55
C MET B 222 24.25 -6.21 -9.40
N VAL B 223 24.63 -6.98 -8.39
CA VAL B 223 26.03 -7.35 -8.18
C VAL B 223 26.52 -8.25 -9.32
N GLU B 224 25.67 -9.18 -9.74
CA GLU B 224 26.01 -10.13 -10.79
C GLU B 224 26.15 -9.49 -12.17
N THR B 225 25.50 -8.35 -12.38
CA THR B 225 25.52 -7.64 -13.66
C THR B 225 26.20 -6.29 -13.52
N LYS B 226 27.01 -6.15 -12.47
CA LYS B 226 27.69 -4.91 -12.15
C LYS B 226 28.61 -4.40 -13.25
N LYS B 227 28.51 -3.10 -13.51
CA LYS B 227 29.37 -2.39 -14.46
C LYS B 227 30.01 -1.20 -13.73
N VAL B 228 31.25 -0.89 -14.09
CA VAL B 228 31.97 0.24 -13.50
C VAL B 228 32.37 1.22 -14.62
N THR B 229 32.54 2.49 -14.25
CA THR B 229 32.93 3.53 -15.19
C THR B 229 34.45 3.55 -15.29
N SER B 230 34.98 4.50 -16.07
CA SER B 230 36.42 4.67 -16.22
C SER B 230 37.09 5.02 -14.89
N SER B 231 36.40 5.82 -14.09
CA SER B 231 36.91 6.24 -12.78
C SER B 231 36.86 5.11 -11.73
N GLY B 232 36.14 4.03 -12.04
CA GLY B 232 36.05 2.88 -11.16
C GLY B 232 34.83 2.85 -10.25
N VAL B 233 33.91 3.78 -10.43
CA VAL B 233 32.68 3.83 -9.62
C VAL B 233 31.55 3.09 -10.33
N LEU B 234 30.49 2.77 -9.58
CA LEU B 234 29.36 2.04 -10.14
C LEU B 234 28.59 2.83 -11.19
N LEU B 235 28.17 2.12 -12.24
CA LEU B 235 27.37 2.70 -13.30
C LEU B 235 25.92 2.28 -13.06
N LEU B 236 25.05 3.28 -12.84
CA LEU B 236 23.61 3.08 -12.65
C LEU B 236 22.89 4.03 -13.62
N ASP B 237 22.47 3.53 -14.77
CA ASP B 237 21.91 4.37 -15.83
C ASP B 237 20.39 4.58 -15.90
N ASN B 238 19.64 4.03 -14.96
CA ASN B 238 18.19 4.20 -14.94
C ASN B 238 17.65 4.38 -13.52
N TYR B 239 16.43 4.89 -13.39
CA TYR B 239 15.83 5.10 -12.06
C TYR B 239 15.74 3.79 -11.28
N SER B 240 15.39 2.69 -11.95
CA SER B 240 15.25 1.41 -11.26
C SER B 240 16.52 0.97 -10.52
N ASP B 241 17.68 1.07 -11.17
CA ASP B 241 18.94 0.68 -10.52
C ASP B 241 19.33 1.66 -9.42
N ARG B 242 19.17 2.95 -9.69
CA ARG B 242 19.54 3.99 -8.73
C ARG B 242 18.73 3.85 -7.44
N ILE B 243 17.41 3.74 -7.59
CA ILE B 243 16.53 3.63 -6.44
C ILE B 243 16.74 2.31 -5.69
N GLN B 244 17.03 1.23 -6.43
CA GLN B 244 17.27 -0.07 -5.80
C GLN B 244 18.50 -0.01 -4.90
N VAL B 245 19.53 0.71 -5.35
CA VAL B 245 20.73 0.86 -4.53
C VAL B 245 20.44 1.69 -3.28
N LEU B 246 19.68 2.77 -3.43
CA LEU B 246 19.34 3.62 -2.28
C LEU B 246 18.43 2.88 -1.30
N GLN B 247 17.53 2.05 -1.81
CA GLN B 247 16.64 1.26 -0.97
C GLN B 247 17.47 0.29 -0.14
N ASN B 248 18.38 -0.41 -0.82
CA ASN B 248 19.24 -1.35 -0.13
C ASN B 248 20.22 -0.67 0.83
N MET B 249 20.65 0.54 0.48
CA MET B 249 21.56 1.29 1.33
C MET B 249 20.92 1.63 2.68
N VAL B 250 19.69 2.14 2.61
CA VAL B 250 18.98 2.52 3.81
C VAL B 250 18.59 1.28 4.60
N HIS B 251 18.27 0.18 3.92
CA HIS B 251 17.95 -1.09 4.58
C HIS B 251 19.20 -1.61 5.32
N CYS B 252 20.36 -1.49 4.69
CA CYS B 252 21.63 -1.86 5.34
C CYS B 252 21.87 -1.00 6.58
N ALA B 253 21.60 0.30 6.47
CA ALA B 253 21.78 1.21 7.60
C ALA B 253 20.84 0.80 8.75
N ASP B 254 19.60 0.49 8.40
CA ASP B 254 18.59 0.05 9.36
C ASP B 254 19.06 -1.23 10.07
N LEU B 255 19.70 -2.13 9.31
CA LEU B 255 20.20 -3.40 9.83
C LEU B 255 21.71 -3.33 10.09
N SER B 256 22.19 -2.18 10.52
CA SER B 256 23.63 -2.01 10.71
C SER B 256 24.14 -2.27 12.12
N ASN B 257 23.25 -2.42 13.10
CA ASN B 257 23.70 -2.60 14.50
C ASN B 257 24.75 -3.70 14.70
N PRO B 258 24.54 -4.90 14.16
CA PRO B 258 25.53 -5.97 14.35
C PRO B 258 26.91 -5.73 13.70
N THR B 259 27.02 -4.71 12.84
CA THR B 259 28.28 -4.36 12.16
C THR B 259 29.05 -3.26 12.89
N LYS B 260 28.48 -2.74 13.98
CA LYS B 260 29.11 -1.67 14.75
C LYS B 260 30.00 -2.22 15.83
N PRO B 261 30.92 -1.41 16.35
CA PRO B 261 31.75 -1.84 17.49
C PRO B 261 30.87 -2.48 18.56
N LEU B 262 31.37 -3.53 19.19
CA LEU B 262 30.60 -4.35 20.12
C LEU B 262 29.88 -3.59 21.21
N GLN B 263 30.50 -2.56 21.81
CA GLN B 263 29.84 -1.83 22.87
C GLN B 263 28.54 -1.15 22.40
N LEU B 264 28.51 -0.74 21.14
CA LEU B 264 27.32 -0.13 20.54
C LEU B 264 26.31 -1.24 20.21
N TYR B 265 26.76 -2.31 19.57
CA TYR B 265 25.88 -3.42 19.21
C TYR B 265 25.15 -3.97 20.44
N ARG B 266 25.87 -4.24 21.52
CA ARG B 266 25.25 -4.78 22.72
C ARG B 266 24.16 -3.86 23.28
N GLN B 267 24.37 -2.55 23.22
CA GLN B 267 23.34 -1.62 23.69
C GLN B 267 22.09 -1.71 22.81
N TRP B 268 22.29 -1.83 21.50
CA TRP B 268 21.17 -1.99 20.57
C TRP B 268 20.42 -3.30 20.86
N THR B 269 21.15 -4.37 21.15
CA THR B 269 20.51 -5.64 21.47
C THR B 269 19.70 -5.54 22.74
N ASP B 270 20.26 -4.91 23.78
CA ASP B 270 19.54 -4.75 25.04
C ASP B 270 18.22 -4.03 24.79
N ARG B 271 18.25 -3.01 23.92
CA ARG B 271 17.07 -2.21 23.63
C ARG B 271 16.00 -2.93 22.83
N ILE B 272 16.39 -3.65 21.76
CA ILE B 272 15.38 -4.37 20.98
C ILE B 272 14.77 -5.50 21.82
N MET B 273 15.57 -6.13 22.68
CA MET B 273 15.05 -7.19 23.54
C MET B 273 14.02 -6.62 24.51
N GLU B 274 14.27 -5.44 25.05
CA GLU B 274 13.30 -4.82 25.95
C GLU B 274 12.00 -4.53 25.22
N GLU B 275 12.11 -3.95 24.03
CA GLU B 275 10.94 -3.63 23.21
C GLU B 275 10.17 -4.91 22.87
N PHE B 276 10.87 -5.94 22.45
CA PHE B 276 10.26 -7.23 22.09
C PHE B 276 9.56 -7.87 23.30
N PHE B 277 10.22 -7.85 24.45
CA PHE B 277 9.64 -8.44 25.66
C PHE B 277 8.36 -7.71 26.07
N ARG B 278 8.32 -6.39 25.90
CA ARG B 278 7.13 -5.62 26.23
C ARG B 278 6.00 -5.96 25.25
N GLN B 279 6.34 -6.25 23.99
CA GLN B 279 5.32 -6.69 23.03
C GLN B 279 4.79 -8.06 23.48
N GLY B 280 5.68 -8.94 23.91
CA GLY B 280 5.31 -10.26 24.37
C GLY B 280 4.43 -10.21 25.60
N ASP B 281 4.65 -9.23 26.47
CA ASP B 281 3.84 -9.07 27.69
C ASP B 281 2.40 -8.72 27.31
N ARG B 282 2.24 -7.90 26.25
CA ARG B 282 0.93 -7.52 25.75
C ARG B 282 0.26 -8.70 25.07
N GLU B 283 1.06 -9.51 24.35
CA GLU B 283 0.53 -10.71 23.69
C GLU B 283 0.07 -11.73 24.73
N ARG B 284 0.82 -11.89 25.81
CA ARG B 284 0.49 -12.83 26.88
C ARG B 284 -0.81 -12.42 27.55
N GLU B 285 -0.95 -11.13 27.84
CA GLU B 285 -2.15 -10.57 28.45
C GLU B 285 -3.39 -10.82 27.59
N ARG B 286 -3.23 -10.80 26.27
CA ARG B 286 -4.35 -11.00 25.35
C ARG B 286 -4.65 -12.47 25.04
N GLY B 287 -3.87 -13.38 25.61
CA GLY B 287 -4.05 -14.81 25.36
C GLY B 287 -3.57 -15.23 24.00
N MET B 288 -2.66 -14.45 23.40
CA MET B 288 -2.10 -14.75 22.10
C MET B 288 -0.83 -15.56 22.24
N GLU B 289 -0.45 -16.25 21.17
CA GLU B 289 0.82 -16.98 21.14
C GLU B 289 1.88 -15.88 21.19
N ILE B 290 2.95 -16.09 21.94
CA ILE B 290 3.99 -15.07 22.04
C ILE B 290 4.92 -15.21 20.84
N SER B 291 5.19 -14.07 20.18
CA SER B 291 6.03 -14.04 19.00
C SER B 291 7.48 -14.40 19.31
N PRO B 292 8.22 -14.88 18.31
CA PRO B 292 9.64 -15.21 18.51
C PRO B 292 10.42 -14.04 19.09
N MET B 293 11.30 -14.33 20.04
CA MET B 293 12.15 -13.33 20.72
C MET B 293 11.39 -12.39 21.67
N CYS B 294 10.09 -12.61 21.83
CA CYS B 294 9.27 -11.71 22.67
C CYS B 294 8.88 -12.26 24.04
N ASP B 295 9.22 -13.51 24.34
CA ASP B 295 8.91 -14.16 25.61
C ASP B 295 10.09 -14.06 26.58
N LYS B 296 9.98 -13.16 27.55
CA LYS B 296 11.05 -12.95 28.53
C LYS B 296 11.30 -14.17 29.43
N HIS B 297 10.35 -15.10 29.48
CA HIS B 297 10.48 -16.32 30.29
C HIS B 297 11.12 -17.47 29.51
N ASN B 298 11.15 -17.35 28.19
CA ASN B 298 11.70 -18.38 27.30
C ASN B 298 12.52 -17.74 26.18
N ALA B 299 13.55 -16.98 26.55
CA ALA B 299 14.38 -16.29 25.57
C ALA B 299 15.80 -16.85 25.52
N SER B 300 16.41 -16.77 24.33
CA SER B 300 17.79 -17.15 24.10
C SER B 300 18.40 -15.99 23.33
N VAL B 301 18.76 -14.93 24.05
CA VAL B 301 19.24 -13.69 23.42
C VAL B 301 20.44 -13.90 22.50
N GLU B 302 21.41 -14.67 22.96
CA GLU B 302 22.63 -14.90 22.21
C GLU B 302 22.39 -15.75 20.96
N LYS B 303 21.62 -16.83 21.11
CA LYS B 303 21.26 -17.68 19.97
C LYS B 303 20.48 -16.89 18.94
N SER B 304 19.59 -16.00 19.41
CA SER B 304 18.77 -15.20 18.50
C SER B 304 19.62 -14.19 17.72
N GLN B 305 20.68 -13.67 18.32
CA GLN B 305 21.56 -12.74 17.61
C GLN B 305 22.36 -13.46 16.53
N VAL B 306 22.83 -14.67 16.85
CA VAL B 306 23.59 -15.45 15.86
C VAL B 306 22.66 -15.77 14.68
N GLY B 307 21.41 -16.12 14.98
CA GLY B 307 20.42 -16.39 13.94
C GLY B 307 20.11 -15.16 13.09
N PHE B 308 19.95 -14.02 13.75
CA PHE B 308 19.67 -12.75 13.07
C PHE B 308 20.80 -12.44 12.09
N ILE B 309 22.04 -12.62 12.54
CA ILE B 309 23.20 -12.37 11.68
C ILE B 309 23.27 -13.38 10.54
N ASP B 310 23.22 -14.66 10.89
CA ASP B 310 23.34 -15.73 9.90
C ASP B 310 22.29 -15.73 8.79
N TYR B 311 21.05 -15.45 9.15
CA TYR B 311 19.94 -15.55 8.20
C TYR B 311 19.52 -14.26 7.50
N ILE B 312 19.82 -13.11 8.10
CA ILE B 312 19.38 -11.81 7.57
C ILE B 312 20.51 -10.80 7.37
N VAL B 313 21.21 -10.47 8.45
CA VAL B 313 22.21 -9.40 8.42
C VAL B 313 23.46 -9.70 7.59
N HIS B 314 24.05 -10.88 7.75
CA HIS B 314 25.25 -11.23 7.00
C HIS B 314 24.96 -11.44 5.49
N PRO B 315 23.92 -12.17 5.11
CA PRO B 315 23.60 -12.29 3.68
C PRO B 315 23.44 -10.92 2.99
N LEU B 316 22.81 -9.97 3.68
CA LEU B 316 22.64 -8.62 3.14
C LEU B 316 23.96 -7.87 3.05
N TRP B 317 24.70 -7.83 4.14
CA TRP B 317 25.96 -7.06 4.18
C TRP B 317 27.07 -7.63 3.32
N GLU B 318 27.09 -8.95 3.14
CA GLU B 318 28.05 -9.60 2.27
C GLU B 318 27.76 -9.20 0.82
N THR B 319 26.48 -9.07 0.52
CA THR B 319 26.06 -8.69 -0.83
C THR B 319 26.36 -7.21 -1.06
N TRP B 320 26.10 -6.37 -0.06
CA TRP B 320 26.43 -4.95 -0.19
C TRP B 320 27.95 -4.80 -0.37
N ALA B 321 28.72 -5.55 0.41
CA ALA B 321 30.17 -5.51 0.36
C ALA B 321 30.68 -5.89 -1.04
N ASP B 322 30.00 -6.83 -1.68
CA ASP B 322 30.34 -7.25 -3.04
C ASP B 322 30.08 -6.11 -4.04
N LEU B 323 28.96 -5.40 -3.87
CA LEU B 323 28.60 -4.29 -4.76
C LEU B 323 29.67 -3.19 -4.73
N VAL B 324 30.16 -2.87 -3.53
CA VAL B 324 31.15 -1.80 -3.35
C VAL B 324 32.57 -2.28 -3.04
N HIS B 325 32.88 -3.54 -3.35
CA HIS B 325 34.16 -4.15 -3.01
C HIS B 325 35.36 -3.32 -3.47
N PRO B 326 36.37 -3.11 -2.61
CA PRO B 326 36.47 -3.61 -1.23
C PRO B 326 36.15 -2.59 -0.12
N ASP B 327 35.40 -1.55 -0.45
CA ASP B 327 35.10 -0.46 0.48
C ASP B 327 34.55 -0.86 1.86
N ALA B 328 33.67 -1.86 1.88
CA ALA B 328 33.02 -2.28 3.12
C ALA B 328 33.66 -3.46 3.83
N GLN B 329 34.91 -3.77 3.52
CA GLN B 329 35.57 -4.93 4.13
C GLN B 329 35.66 -4.80 5.65
N ASP B 330 35.99 -3.62 6.17
CA ASP B 330 36.13 -3.42 7.61
C ASP B 330 34.79 -3.62 8.33
N ILE B 331 33.70 -3.19 7.69
CA ILE B 331 32.36 -3.33 8.25
C ILE B 331 31.98 -4.81 8.31
N LEU B 332 32.26 -5.55 7.24
CA LEU B 332 31.94 -6.97 7.19
C LEU B 332 32.78 -7.76 8.19
N ASP B 333 34.04 -7.37 8.36
CA ASP B 333 34.92 -8.02 9.33
C ASP B 333 34.38 -7.84 10.74
N THR B 334 33.87 -6.65 11.05
CA THR B 334 33.34 -6.36 12.37
C THR B 334 32.10 -7.21 12.62
N LEU B 335 31.22 -7.28 11.62
CA LEU B 335 30.02 -8.10 11.70
C LEU B 335 30.39 -9.55 12.00
N GLU B 336 31.39 -10.06 11.30
CA GLU B 336 31.82 -11.44 11.48
C GLU B 336 32.44 -11.67 12.88
N ASP B 337 33.22 -10.71 13.36
CA ASP B 337 33.82 -10.80 14.69
C ASP B 337 32.72 -10.79 15.75
N ASN B 338 31.68 -9.98 15.53
CA ASN B 338 30.58 -9.85 16.48
C ASN B 338 29.74 -11.12 16.52
N ARG B 339 29.54 -11.73 15.35
CA ARG B 339 28.84 -13.01 15.24
C ARG B 339 29.60 -14.07 16.06
N GLU B 340 30.92 -14.12 15.89
CA GLU B 340 31.78 -15.06 16.61
C GLU B 340 31.73 -14.82 18.12
N TRP B 341 31.64 -13.55 18.53
CA TRP B 341 31.58 -13.22 19.95
C TRP B 341 30.28 -13.73 20.56
N TYR B 342 29.15 -13.42 19.94
CA TYR B 342 27.85 -13.87 20.45
C TYR B 342 27.80 -15.41 20.50
N GLN B 343 28.32 -16.05 19.46
CA GLN B 343 28.34 -17.51 19.40
C GLN B 343 29.16 -18.10 20.54
N SER B 344 30.29 -17.46 20.85
CA SER B 344 31.19 -17.92 21.89
C SER B 344 30.58 -17.89 23.28
N THR B 345 29.54 -17.09 23.48
CA THR B 345 28.89 -17.03 24.79
C THR B 345 27.94 -18.20 25.03
N ILE B 346 27.51 -18.85 23.95
CA ILE B 346 26.52 -19.94 24.05
C ILE B 346 27.00 -21.20 24.81
N PRO B 347 28.17 -21.78 24.51
CA PRO B 347 28.64 -22.96 25.23
C PRO B 347 28.73 -22.76 26.75
ZN ZN C . -16.18 1.03 -9.13
MG MG D . -13.04 2.38 -7.66
C14 3DE E . -16.60 5.51 -18.42
O15 3DE E . -17.71 4.79 -18.20
C16 3DE E . -18.81 4.84 -19.14
C17 3DE E . -20.07 4.37 -18.44
C10 3DE E . -15.47 5.32 -17.47
C11 3DE E . -14.10 5.81 -17.72
N13 3DE E . -13.40 5.41 -16.68
C12 3DE E . -13.50 6.39 -18.97
C8 3DE E . -15.51 4.78 -16.23
C9 3DE E . -16.71 4.22 -15.51
N1 3DE E . -14.25 4.83 -15.70
C2 3DE E . -13.80 4.36 -14.45
C3 3DE E . -13.28 5.26 -13.51
C4 3DE E . -12.82 4.76 -12.28
C5 3DE E . -12.84 3.39 -12.00
C6 3DE E . -13.34 2.50 -12.97
C7 3DE E . -13.81 2.99 -14.19
O1 3DE E . -16.39 6.03 -19.48
C1 EDO F . -2.81 -8.01 2.79
O1 EDO F . -2.72 -9.18 3.57
C2 EDO F . -3.44 -8.34 1.46
O2 EDO F . -2.61 -9.25 0.76
C1 EDO G . -2.11 7.78 -10.10
O1 EDO G . -3.27 7.78 -10.90
C2 EDO G . -1.91 6.41 -9.51
O2 EDO G . -3.10 6.01 -8.87
C1 EDO H . -27.26 6.79 0.13
O1 EDO H . -26.38 5.93 -0.57
C2 EDO H . -26.49 7.44 1.25
O2 EDO H . -26.17 8.77 0.91
C1 EDO I . -19.46 -24.32 -21.24
O1 EDO I . -20.78 -24.08 -20.79
C2 EDO I . -18.49 -24.02 -20.13
O2 EDO I . -17.20 -23.85 -20.67
C1 EDO J . -28.09 8.03 -6.44
O1 EDO J . -29.18 7.28 -5.96
C2 EDO J . -27.29 8.55 -5.28
O2 EDO J . -27.60 7.83 -4.11
C1 EDO K . -19.89 -15.31 -18.58
O1 EDO K . -18.98 -15.01 -17.55
C2 EDO K . -21.17 -15.84 -18.00
O2 EDO K . -22.01 -14.76 -17.67
C1 EDO L . -13.28 -10.55 8.84
O1 EDO L . -13.46 -10.45 10.24
C2 EDO L . -13.09 -9.17 8.27
O2 EDO L . -11.96 -8.57 8.86
C1 EDO M . -10.96 11.39 -14.50
O1 EDO M . -9.84 10.72 -13.96
C2 EDO M . -11.04 11.05 -15.97
O2 EDO M . -9.87 11.47 -16.62
C1 EDO N . -10.66 6.35 7.64
O1 EDO N . -10.94 4.96 7.54
C2 EDO N . -11.94 7.12 7.65
O2 EDO N . -12.63 6.82 8.83
C1 EDO O . -13.16 12.49 1.20
O1 EDO O . -12.12 12.49 2.15
C2 EDO O . -13.63 11.08 0.98
O2 EDO O . -14.99 11.12 0.59
ZN ZN P . 14.34 1.24 11.62
MG MG Q . 10.92 0.41 10.55
C14 3DE R . 17.61 -7.38 16.37
O15 3DE R . 18.49 -6.38 16.58
C16 3DE R . 19.64 -6.59 17.41
C17 3DE R . 20.21 -5.23 17.76
C10 3DE R . 16.50 -7.14 15.43
C11 3DE R . 15.55 -8.18 14.97
N13 3DE R . 14.76 -7.58 14.13
C12 3DE R . 15.61 -9.68 15.19
C8 3DE R . 16.10 -5.95 14.90
C9 3DE R . 16.72 -4.59 15.15
N1 3DE R . 15.01 -6.16 14.11
C2 3DE R . 14.27 -5.27 13.31
C3 3DE R . 12.93 -4.98 13.60
C4 3DE R . 12.21 -4.12 12.76
C5 3DE R . 12.84 -3.54 11.64
C6 3DE R . 14.17 -3.83 11.35
C7 3DE R . 14.88 -4.70 12.19
O1 3DE R . 17.79 -8.46 16.83
C1 EDO S . 26.08 -12.16 26.56
O1 EDO S . 26.03 -11.65 27.88
C2 EDO S . 25.41 -11.17 25.64
O2 EDO S . 24.00 -11.29 25.74
C1 EDO T . 35.51 0.95 20.02
O1 EDO T . 35.97 0.83 18.69
C2 EDO T . 36.60 1.58 20.85
O2 EDO T . 36.75 2.92 20.43
C1 EDO U . 8.68 -9.09 16.90
O1 EDO U . 8.40 -8.89 15.54
C2 EDO U . 9.79 -10.12 17.01
O2 EDO U . 9.30 -11.36 16.56
C1 EDO V . 8.51 17.21 -0.89
O1 EDO V . 7.78 18.41 -0.96
C2 EDO V . 7.71 16.21 -0.08
O2 EDO V . 6.46 16.01 -0.71
C1 EDO W . 5.58 16.61 -4.01
O1 EDO W . 5.06 16.88 -5.28
C2 EDO W . 4.65 17.14 -2.96
O2 EDO W . 5.21 18.32 -2.42
C1 EDO X . 4.55 6.46 -5.25
O1 EDO X . 4.78 7.60 -6.07
C2 EDO X . 5.87 5.82 -4.91
O2 EDO X . 6.42 5.23 -6.06
C1 EDO Y . 11.71 11.95 21.89
O1 EDO Y . 12.39 11.97 20.68
C2 EDO Y . 10.55 12.89 21.75
O2 EDO Y . 9.62 12.63 22.77
C1 EDO Z . 34.78 -8.58 19.37
O1 EDO Z . 35.98 -8.47 18.65
C2 EDO Z . 33.63 -8.16 18.50
O2 EDO Z . 34.01 -7.23 17.50
C1 EDO AA . 38.41 -10.88 21.82
O1 EDO AA . 38.43 -9.59 22.37
C2 EDO AA . 37.01 -11.42 21.82
O2 EDO AA . 36.36 -11.02 20.63
C1 EDO BA . 8.08 -0.47 23.82
O1 EDO BA . 6.77 -0.03 24.10
C2 EDO BA . 8.96 -0.03 24.94
O2 EDO BA . 10.27 -0.55 24.81
C1 EDO CA . 15.16 7.05 23.70
O1 EDO CA . 15.63 6.18 24.71
C2 EDO CA . 15.37 8.49 24.10
O2 EDO CA . 14.16 9.20 23.93
C1 EDO DA . 22.35 -20.24 11.86
O1 EDO DA . 22.30 -19.88 13.23
C2 EDO DA . 23.25 -21.45 11.69
O2 EDO DA . 22.57 -22.57 12.20
C1 EDO EA . 3.55 -8.24 6.81
O1 EDO EA . 4.01 -6.94 7.11
C2 EDO EA . 3.11 -8.94 8.07
O2 EDO EA . 4.17 -8.93 9.00
#